data_1DNP
#
_entry.id   1DNP
#
_cell.length_a   62.600
_cell.length_b   72.200
_cell.length_c   58.500
_cell.angle_alpha   99.10
_cell.angle_beta   101.50
_cell.angle_gamma   72.00
#
_symmetry.space_group_name_H-M   'P 1'
#
loop_
_entity.id
_entity.type
_entity.pdbx_description
1 polymer 'DNA PHOTOLYASE'
2 non-polymer 'FLAVIN-ADENINE DINUCLEOTIDE'
3 non-polymer '5,10-METHENYL-6,7,8-TRIHYDROFOLIC ACID'
4 water water
#
_entity_poly.entity_id   1
_entity_poly.type   'polypeptide(L)'
_entity_poly.pdbx_seq_one_letter_code
;TTHLVWFRQDLRLHDNLALAAACRNSSARVLALYIATPRQWATHNMSPRQAELINAQLNGLQIALAEKGIPLLFREVDDF
VASVEIVKQVCAENSVTHLFYNYQYEVNERARDVEVERALRNVVCEGFDDSVILPPGAVMTGNHEMYKVFTPFKNAWLKR
LREGMPECVAAPKVRSSGSIEPSPSITLNYPRQSFDTAHFPVEEKAAIAQLRQFCQNGAGEYEQQRDFPAVEGTSRLSAS
LATGGLSPRQCLHRLLAEQPQALDGGAGSVWLNELIWREFYRHLITYHPSLCKHRPFIAWTDRVQWQSNPAHLQAWQEGK
TGYPIVDAAMRQLNSTGWMHNRLRMITASFLVKDLLIDWREGERYFMSQLIDGDLAANNGGWQWAASTGTDAAPYFRIFN
PTTQGEKFDHEGEFIRQWLPELRDVPGKVVHEPWKWAQKAGVTLDYPQPIVEHKEARVQTLAAYEAARKGK
;
_entity_poly.pdbx_strand_id   A,B
#
# COMPACT_ATOMS: atom_id res chain seq x y z
N THR A 1 -6.80 -45.24 24.73
CA THR A 1 -6.65 -44.76 23.32
C THR A 1 -7.11 -43.32 23.21
N THR A 2 -6.19 -42.41 22.91
CA THR A 2 -6.57 -40.99 22.78
C THR A 2 -6.18 -40.49 21.40
N HIS A 3 -7.19 -40.02 20.71
CA HIS A 3 -7.08 -39.52 19.35
C HIS A 3 -7.08 -38.02 19.28
N LEU A 4 -6.00 -37.45 18.77
CA LEU A 4 -5.93 -36.00 18.61
C LEU A 4 -6.11 -35.60 17.13
N VAL A 5 -7.05 -34.70 16.88
CA VAL A 5 -7.34 -34.17 15.57
C VAL A 5 -6.76 -32.73 15.49
N TRP A 6 -5.73 -32.57 14.68
CA TRP A 6 -5.08 -31.30 14.51
C TRP A 6 -5.66 -30.53 13.31
N PHE A 7 -6.53 -29.58 13.58
CA PHE A 7 -7.16 -28.75 12.56
C PHE A 7 -6.19 -27.68 12.04
N ARG A 8 -6.44 -27.20 10.83
CA ARG A 8 -5.67 -26.12 10.22
C ARG A 8 -6.59 -25.44 9.23
N GLN A 9 -6.41 -25.68 7.93
CA GLN A 9 -7.25 -25.08 6.89
C GLN A 9 -8.36 -26.09 6.54
N ASP A 10 -9.15 -26.46 7.53
CA ASP A 10 -10.22 -27.45 7.36
C ASP A 10 -11.23 -27.32 8.48
N LEU A 11 -11.55 -26.08 8.84
CA LEU A 11 -12.46 -25.82 9.92
C LEU A 11 -13.91 -26.14 9.59
N ARG A 12 -14.19 -27.44 9.48
CA ARG A 12 -15.53 -27.95 9.20
C ARG A 12 -15.66 -29.37 9.78
N LEU A 13 -16.91 -29.76 10.08
CA LEU A 13 -17.21 -31.09 10.61
C LEU A 13 -17.49 -32.06 9.45
N HIS A 14 -18.15 -31.52 8.43
CA HIS A 14 -18.55 -32.26 7.23
C HIS A 14 -17.52 -32.64 6.23
N ASP A 15 -17.53 -33.91 5.86
CA ASP A 15 -16.60 -34.39 4.87
C ASP A 15 -15.17 -33.93 5.16
N ASN A 16 -14.70 -34.29 6.34
CA ASN A 16 -13.37 -33.94 6.81
C ASN A 16 -12.70 -35.28 7.04
N LEU A 17 -11.77 -35.63 6.19
CA LEU A 17 -11.09 -36.92 6.32
C LEU A 17 -10.41 -37.24 7.66
N ALA A 18 -9.53 -36.37 8.16
CA ALA A 18 -8.84 -36.65 9.42
C ALA A 18 -9.80 -36.73 10.60
N LEU A 19 -10.83 -35.91 10.57
CA LEU A 19 -11.83 -35.87 11.64
C LEU A 19 -12.68 -37.15 11.66
N ALA A 20 -13.25 -37.51 10.51
CA ALA A 20 -14.05 -38.73 10.37
C ALA A 20 -13.23 -39.97 10.76
N ALA A 21 -11.97 -40.00 10.36
CA ALA A 21 -11.05 -41.09 10.67
C ALA A 21 -10.73 -41.23 12.17
N ALA A 22 -10.71 -40.10 12.91
CA ALA A 22 -10.40 -40.13 14.35
C ALA A 22 -11.57 -40.65 15.16
N CYS A 23 -12.77 -40.36 14.68
CA CYS A 23 -14.00 -40.75 15.33
C CYS A 23 -14.56 -42.15 14.96
N ARG A 24 -13.89 -42.90 14.09
CA ARG A 24 -14.40 -44.23 13.73
C ARG A 24 -14.41 -45.14 14.95
N ASN A 25 -13.33 -45.08 15.73
CA ASN A 25 -13.18 -45.86 16.94
C ASN A 25 -13.99 -45.20 18.04
N SER A 26 -15.27 -45.56 18.14
CA SER A 26 -16.15 -45.00 19.15
C SER A 26 -15.72 -45.23 20.63
N SER A 27 -14.68 -46.02 20.86
CA SER A 27 -14.25 -46.20 22.24
C SER A 27 -13.00 -45.37 22.56
N ALA A 28 -12.52 -44.61 21.57
CA ALA A 28 -11.32 -43.78 21.71
C ALA A 28 -11.66 -42.39 22.23
N ARG A 29 -10.78 -41.79 23.04
CA ARG A 29 -11.02 -40.42 23.53
C ARG A 29 -10.57 -39.50 22.41
N VAL A 30 -11.45 -38.60 22.00
CA VAL A 30 -11.17 -37.69 20.90
C VAL A 30 -10.99 -36.24 21.34
N LEU A 31 -9.85 -35.68 20.96
CA LEU A 31 -9.47 -34.31 21.27
C LEU A 31 -9.14 -33.59 19.96
N ALA A 32 -9.41 -32.29 19.90
CA ALA A 32 -9.10 -31.48 18.71
C ALA A 32 -8.17 -30.34 19.14
N LEU A 33 -7.19 -30.05 18.31
CA LEU A 33 -6.22 -28.98 18.58
C LEU A 33 -6.20 -27.97 17.44
N TYR A 34 -6.03 -26.69 17.78
CA TYR A 34 -5.91 -25.63 16.78
C TYR A 34 -4.86 -24.62 17.27
N ILE A 35 -3.77 -24.47 16.51
CA ILE A 35 -2.68 -23.56 16.86
C ILE A 35 -2.68 -22.31 15.97
N ALA A 36 -2.86 -21.13 16.57
CA ALA A 36 -2.84 -19.87 15.84
C ALA A 36 -1.38 -19.43 15.75
N THR A 37 -0.92 -19.08 14.55
CA THR A 37 0.47 -18.64 14.33
C THR A 37 0.42 -17.25 13.65
N PRO A 38 0.03 -16.20 14.39
CA PRO A 38 -0.10 -14.83 13.89
C PRO A 38 1.12 -14.26 13.16
N ARG A 39 2.29 -14.72 13.55
CA ARG A 39 3.52 -14.24 12.96
C ARG A 39 3.90 -14.97 11.65
N GLN A 40 3.51 -16.24 11.51
CA GLN A 40 3.81 -16.95 10.28
C GLN A 40 2.78 -16.45 9.25
N TRP A 41 1.59 -16.12 9.72
CA TRP A 41 0.55 -15.61 8.85
C TRP A 41 0.95 -14.26 8.27
N ALA A 42 1.55 -13.40 9.09
CA ALA A 42 2.01 -12.09 8.64
C ALA A 42 3.07 -12.28 7.57
N THR A 43 3.98 -13.22 7.80
CA THR A 43 5.04 -13.53 6.86
C THR A 43 4.46 -14.04 5.53
N HIS A 44 3.37 -14.80 5.61
CA HIS A 44 2.75 -15.35 4.42
C HIS A 44 1.79 -14.36 3.79
N ASN A 45 1.77 -13.14 4.31
CA ASN A 45 0.91 -12.08 3.81
C ASN A 45 -0.58 -12.35 3.90
N MET A 46 -0.99 -13.07 4.93
CA MET A 46 -2.41 -13.38 5.10
C MET A 46 -3.25 -12.11 5.22
N SER A 47 -4.31 -12.09 4.45
CA SER A 47 -5.26 -10.99 4.38
C SER A 47 -6.05 -10.84 5.66
N PRO A 48 -6.30 -9.60 6.09
CA PRO A 48 -7.07 -9.39 7.31
C PRO A 48 -8.49 -9.93 7.22
N ARG A 49 -9.10 -9.86 6.03
CA ARG A 49 -10.45 -10.37 5.84
C ARG A 49 -10.51 -11.90 5.96
N GLN A 50 -9.46 -12.57 5.52
CA GLN A 50 -9.40 -14.02 5.61
C GLN A 50 -9.16 -14.41 7.06
N ALA A 51 -8.29 -13.66 7.73
CA ALA A 51 -7.99 -13.89 9.13
C ALA A 51 -9.30 -13.78 9.89
N GLU A 52 -10.15 -12.87 9.44
CA GLU A 52 -11.47 -12.71 10.07
C GLU A 52 -12.39 -13.91 9.76
N LEU A 53 -12.36 -14.39 8.51
CA LEU A 53 -13.15 -15.53 8.09
C LEU A 53 -12.77 -16.78 8.94
N ILE A 54 -11.47 -17.03 9.07
CA ILE A 54 -10.94 -18.13 9.86
C ILE A 54 -11.38 -18.04 11.34
N ASN A 55 -11.28 -16.85 11.91
CA ASN A 55 -11.66 -16.61 13.31
C ASN A 55 -13.14 -16.97 13.46
N ALA A 56 -13.96 -16.57 12.50
CA ALA A 56 -15.40 -16.82 12.56
C ALA A 56 -15.77 -18.29 12.40
N GLN A 57 -15.04 -19.00 11.55
CA GLN A 57 -15.29 -20.41 11.34
C GLN A 57 -14.77 -21.16 12.58
N LEU A 58 -13.67 -20.67 13.15
CA LEU A 58 -13.05 -21.27 14.34
C LEU A 58 -13.99 -21.27 15.56
N ASN A 59 -14.69 -20.18 15.78
CA ASN A 59 -15.63 -20.12 16.89
C ASN A 59 -16.85 -21.01 16.62
N GLY A 60 -17.32 -20.99 15.38
CA GLY A 60 -18.46 -21.81 14.96
C GLY A 60 -18.17 -23.31 15.01
N LEU A 61 -16.91 -23.68 14.76
CA LEU A 61 -16.45 -25.06 14.83
C LEU A 61 -16.38 -25.51 16.29
N GLN A 62 -15.82 -24.66 17.15
CA GLN A 62 -15.70 -24.94 18.58
C GLN A 62 -17.07 -25.29 19.16
N ILE A 63 -18.05 -24.53 18.72
CA ILE A 63 -19.42 -24.72 19.14
C ILE A 63 -19.98 -26.04 18.61
N ALA A 64 -19.70 -26.36 17.36
CA ALA A 64 -20.17 -27.60 16.75
C ALA A 64 -19.46 -28.84 17.32
N LEU A 65 -18.16 -28.72 17.58
CA LEU A 65 -17.41 -29.83 18.14
C LEU A 65 -17.94 -30.16 19.55
N ALA A 66 -18.30 -29.14 20.33
CA ALA A 66 -18.83 -29.30 21.68
C ALA A 66 -20.09 -30.18 21.70
N GLU A 67 -21.00 -29.93 20.78
CA GLU A 67 -22.21 -30.72 20.68
C GLU A 67 -21.90 -32.21 20.36
N LYS A 68 -20.83 -32.46 19.64
CA LYS A 68 -20.43 -33.82 19.32
C LYS A 68 -19.66 -34.41 20.49
N GLY A 69 -19.45 -33.61 21.53
CA GLY A 69 -18.73 -34.06 22.71
C GLY A 69 -17.23 -34.04 22.57
N ILE A 70 -16.74 -33.31 21.56
CA ILE A 70 -15.30 -33.17 21.30
C ILE A 70 -14.81 -31.77 21.74
N PRO A 71 -13.78 -31.72 22.58
CA PRO A 71 -13.24 -30.44 23.05
C PRO A 71 -12.08 -29.94 22.17
N LEU A 72 -12.03 -28.62 21.96
CA LEU A 72 -10.95 -28.00 21.18
C LEU A 72 -9.93 -27.32 22.11
N LEU A 73 -8.67 -27.70 21.99
CA LEU A 73 -7.59 -27.11 22.76
C LEU A 73 -6.97 -26.03 21.87
N PHE A 74 -7.20 -24.75 22.19
CA PHE A 74 -6.64 -23.64 21.43
C PHE A 74 -5.29 -23.16 21.96
N ARG A 75 -4.37 -22.92 21.05
CA ARG A 75 -3.05 -22.47 21.39
C ARG A 75 -2.67 -21.40 20.40
N GLU A 76 -1.82 -20.47 20.84
CA GLU A 76 -1.35 -19.39 19.97
C GLU A 76 0.14 -19.24 20.16
N VAL A 77 0.90 -19.53 19.13
CA VAL A 77 2.33 -19.38 19.17
C VAL A 77 2.66 -18.39 18.06
N ASP A 78 3.95 -18.19 17.83
CA ASP A 78 4.39 -17.27 16.83
C ASP A 78 4.39 -17.85 15.43
N ASP A 79 5.11 -18.95 15.26
CA ASP A 79 5.30 -19.54 13.97
C ASP A 79 5.17 -21.07 13.90
N PHE A 80 5.55 -21.63 12.75
CA PHE A 80 5.47 -23.08 12.54
C PHE A 80 6.55 -23.84 13.31
N VAL A 81 7.67 -23.19 13.59
CA VAL A 81 8.72 -23.87 14.34
C VAL A 81 8.29 -24.13 15.79
N ALA A 82 7.53 -23.18 16.34
CA ALA A 82 7.03 -23.26 17.70
C ALA A 82 5.93 -24.30 17.81
N SER A 83 5.07 -24.39 16.78
CA SER A 83 3.96 -25.34 16.74
C SER A 83 4.41 -26.78 16.95
N VAL A 84 5.58 -27.11 16.43
CA VAL A 84 6.11 -28.46 16.55
C VAL A 84 6.16 -28.81 18.03
N GLU A 85 6.67 -27.86 18.81
CA GLU A 85 6.78 -28.02 20.26
C GLU A 85 5.41 -28.11 20.93
N ILE A 86 4.45 -27.31 20.48
CA ILE A 86 3.10 -27.36 21.06
C ILE A 86 2.40 -28.70 20.79
N VAL A 87 2.56 -29.25 19.59
CA VAL A 87 1.92 -30.53 19.28
C VAL A 87 2.54 -31.56 20.21
N LYS A 88 3.85 -31.50 20.38
CA LYS A 88 4.57 -32.41 21.27
C LYS A 88 4.06 -32.30 22.71
N GLN A 89 3.89 -31.08 23.17
CA GLN A 89 3.41 -30.87 24.52
C GLN A 89 1.99 -31.39 24.70
N VAL A 90 1.09 -31.03 23.80
CA VAL A 90 -0.30 -31.48 23.91
C VAL A 90 -0.39 -33.01 23.81
N CYS A 91 0.43 -33.64 22.97
CA CYS A 91 0.37 -35.08 22.89
C CYS A 91 0.75 -35.65 24.24
N ALA A 92 1.91 -35.23 24.74
CA ALA A 92 2.43 -35.64 26.05
C ALA A 92 1.42 -35.40 27.19
N GLU A 93 1.00 -34.16 27.37
CA GLU A 93 0.05 -33.85 28.43
C GLU A 93 -1.21 -34.71 28.42
N ASN A 94 -1.81 -34.93 27.26
CA ASN A 94 -3.04 -35.73 27.18
C ASN A 94 -2.88 -37.20 26.89
N SER A 95 -1.65 -37.69 26.80
CA SER A 95 -1.36 -39.10 26.54
C SER A 95 -1.94 -39.58 25.21
N VAL A 96 -1.86 -38.73 24.18
CA VAL A 96 -2.37 -39.04 22.85
C VAL A 96 -1.63 -40.24 22.25
N THR A 97 -2.39 -41.18 21.71
CA THR A 97 -1.80 -42.36 21.09
C THR A 97 -1.77 -42.21 19.59
N HIS A 98 -2.74 -41.45 19.07
CA HIS A 98 -2.87 -41.26 17.63
C HIS A 98 -3.18 -39.83 17.27
N LEU A 99 -2.45 -39.35 16.26
CA LEU A 99 -2.64 -38.01 15.71
C LEU A 99 -3.18 -38.13 14.28
N PHE A 100 -4.27 -37.43 14.02
CA PHE A 100 -4.91 -37.38 12.71
C PHE A 100 -4.93 -35.93 12.19
N TYR A 101 -4.42 -35.73 10.97
CA TYR A 101 -4.38 -34.40 10.38
C TYR A 101 -4.44 -34.48 8.85
N ASN A 102 -4.94 -33.41 8.24
CA ASN A 102 -5.08 -33.30 6.78
C ASN A 102 -3.91 -32.52 6.22
N TYR A 103 -3.23 -33.13 5.26
CA TYR A 103 -2.06 -32.55 4.61
C TYR A 103 -2.18 -31.13 4.02
N GLN A 104 -1.05 -30.42 4.06
CA GLN A 104 -0.98 -29.08 3.49
C GLN A 104 0.21 -29.16 2.55
N TYR A 105 0.04 -28.67 1.34
CA TYR A 105 1.09 -28.82 0.34
C TYR A 105 2.15 -27.75 0.16
N GLU A 106 2.04 -26.64 0.88
CA GLU A 106 3.01 -25.56 0.73
C GLU A 106 4.31 -25.94 1.42
N VAL A 107 5.44 -25.47 0.90
CA VAL A 107 6.74 -25.81 1.44
C VAL A 107 6.86 -25.67 2.97
N ASN A 108 6.48 -24.52 3.53
CA ASN A 108 6.60 -24.30 4.97
C ASN A 108 5.69 -25.23 5.79
N GLU A 109 4.49 -25.48 5.30
CA GLU A 109 3.55 -26.33 6.00
C GLU A 109 4.04 -27.76 5.97
N ARG A 110 4.61 -28.18 4.86
CA ARG A 110 5.10 -29.54 4.77
C ARG A 110 6.26 -29.76 5.68
N ALA A 111 7.21 -28.83 5.70
CA ALA A 111 8.37 -28.96 6.56
C ALA A 111 7.96 -29.07 8.05
N ARG A 112 6.93 -28.33 8.45
CA ARG A 112 6.43 -28.37 9.82
C ARG A 112 5.92 -29.77 10.13
N ASP A 113 5.06 -30.27 9.24
CA ASP A 113 4.43 -31.58 9.38
C ASP A 113 5.41 -32.70 9.42
N VAL A 114 6.48 -32.59 8.66
CA VAL A 114 7.51 -33.61 8.63
C VAL A 114 8.23 -33.62 9.98
N GLU A 115 8.40 -32.44 10.58
CA GLU A 115 9.05 -32.31 11.87
C GLU A 115 8.16 -32.85 12.97
N VAL A 116 6.86 -32.59 12.87
CA VAL A 116 5.91 -33.08 13.85
C VAL A 116 5.95 -34.60 13.86
N GLU A 117 5.91 -35.21 12.67
CA GLU A 117 5.94 -36.66 12.55
C GLU A 117 7.21 -37.29 13.12
N ARG A 118 8.35 -36.60 12.95
CA ARG A 118 9.65 -37.07 13.46
C ARG A 118 9.73 -36.93 14.95
N ALA A 119 9.18 -35.83 15.43
CA ALA A 119 9.18 -35.55 16.85
C ALA A 119 8.29 -36.55 17.59
N LEU A 120 7.10 -36.82 17.08
CA LEU A 120 6.20 -37.76 17.75
C LEU A 120 6.65 -39.20 17.55
N ARG A 121 7.62 -39.57 18.38
CA ARG A 121 8.24 -40.91 18.39
C ARG A 121 7.30 -42.04 18.78
N ASN A 122 6.54 -41.86 19.86
CA ASN A 122 5.66 -42.93 20.30
C ASN A 122 4.21 -42.73 19.90
N VAL A 123 3.97 -41.90 18.88
CA VAL A 123 2.60 -41.64 18.43
C VAL A 123 2.43 -42.12 16.99
N VAL A 124 1.20 -42.51 16.68
CA VAL A 124 0.84 -42.96 15.33
C VAL A 124 0.18 -41.76 14.64
N CYS A 125 0.80 -41.29 13.57
CA CYS A 125 0.27 -40.13 12.84
C CYS A 125 -0.30 -40.55 11.52
N GLU A 126 -1.47 -40.03 11.20
CA GLU A 126 -2.12 -40.32 9.93
C GLU A 126 -2.53 -39.02 9.30
N GLY A 127 -1.88 -38.68 8.19
CA GLY A 127 -2.23 -37.48 7.45
C GLY A 127 -3.17 -37.92 6.36
N PHE A 128 -3.99 -37.00 5.85
CA PHE A 128 -4.95 -37.31 4.78
C PHE A 128 -4.96 -36.23 3.70
N ASP A 129 -5.18 -36.62 2.45
CA ASP A 129 -5.24 -35.64 1.36
C ASP A 129 -6.66 -35.18 1.30
N ASP A 130 -7.00 -34.24 2.18
CA ASP A 130 -8.38 -33.77 2.27
C ASP A 130 -8.67 -32.54 1.41
N SER A 131 -7.65 -31.74 1.12
CA SER A 131 -7.87 -30.52 0.35
C SER A 131 -7.98 -30.71 -1.18
N VAL A 132 -7.73 -31.93 -1.68
CA VAL A 132 -7.83 -32.23 -3.12
C VAL A 132 -8.87 -33.34 -3.35
N ILE A 133 -9.44 -33.48 -4.55
CA ILE A 133 -10.41 -34.54 -4.83
C ILE A 133 -9.59 -35.81 -5.08
N LEU A 134 -8.50 -35.66 -5.82
CA LEU A 134 -7.58 -36.77 -6.07
C LEU A 134 -6.24 -36.28 -5.48
N PRO A 135 -5.49 -37.17 -4.79
CA PRO A 135 -4.22 -36.79 -4.19
C PRO A 135 -3.05 -36.64 -5.14
N PRO A 136 -2.10 -35.74 -4.81
CA PRO A 136 -0.93 -35.54 -5.66
C PRO A 136 -0.26 -36.90 -5.86
N GLY A 137 0.10 -37.23 -7.09
CA GLY A 137 0.73 -38.50 -7.35
C GLY A 137 -0.25 -39.53 -7.87
N ALA A 138 -1.53 -39.18 -7.86
CA ALA A 138 -2.62 -40.03 -8.34
C ALA A 138 -2.71 -39.89 -9.85
N VAL A 139 -2.39 -38.69 -10.34
CA VAL A 139 -2.43 -38.36 -11.75
C VAL A 139 -0.99 -38.04 -12.20
N MET A 140 -0.28 -39.07 -12.64
CA MET A 140 1.09 -38.96 -13.09
C MET A 140 1.20 -39.32 -14.56
N THR A 141 2.31 -38.87 -15.13
CA THR A 141 2.64 -39.09 -16.52
C THR A 141 3.29 -40.46 -16.64
N GLY A 142 3.42 -40.95 -17.86
CA GLY A 142 4.03 -42.26 -18.12
C GLY A 142 5.35 -42.59 -17.43
N ASN A 143 6.19 -41.59 -17.18
CA ASN A 143 7.47 -41.80 -16.48
C ASN A 143 7.42 -41.32 -15.03
N HIS A 144 6.21 -41.36 -14.45
CA HIS A 144 5.94 -40.96 -13.07
C HIS A 144 6.30 -39.54 -12.71
N GLU A 145 6.15 -38.64 -13.68
CA GLU A 145 6.42 -37.25 -13.45
C GLU A 145 5.06 -36.60 -13.41
N MET A 146 5.01 -35.41 -12.84
CA MET A 146 3.78 -34.65 -12.76
C MET A 146 3.55 -34.03 -14.16
N TYR A 147 2.29 -33.83 -14.54
CA TYR A 147 1.95 -33.23 -15.82
C TYR A 147 2.31 -31.73 -15.89
N LYS A 148 2.72 -31.27 -17.06
CA LYS A 148 3.10 -29.88 -17.26
C LYS A 148 2.10 -29.12 -18.11
N VAL A 149 1.19 -29.83 -18.75
CA VAL A 149 0.19 -29.19 -19.57
C VAL A 149 -1.12 -29.63 -18.99
N PHE A 150 -2.05 -28.68 -18.85
CA PHE A 150 -3.35 -28.98 -18.27
C PHE A 150 -4.18 -30.00 -19.03
N THR A 151 -4.34 -29.77 -20.32
CA THR A 151 -5.14 -30.65 -21.17
C THR A 151 -4.91 -32.15 -20.93
N PRO A 152 -3.65 -32.62 -20.96
CA PRO A 152 -3.44 -34.04 -20.71
C PRO A 152 -3.66 -34.35 -19.23
N PHE A 153 -3.35 -33.42 -18.34
CA PHE A 153 -3.56 -33.65 -16.91
C PHE A 153 -5.04 -33.89 -16.68
N LYS A 154 -5.87 -32.98 -17.17
CA LYS A 154 -7.31 -33.10 -17.04
C LYS A 154 -7.84 -34.44 -17.55
N ASN A 155 -7.34 -34.87 -18.70
CA ASN A 155 -7.77 -36.12 -19.32
C ASN A 155 -7.49 -37.31 -18.39
N ALA A 156 -6.26 -37.36 -17.87
CA ALA A 156 -5.81 -38.40 -16.97
C ALA A 156 -6.54 -38.31 -15.61
N TRP A 157 -6.84 -37.09 -15.19
CA TRP A 157 -7.53 -36.84 -13.93
C TRP A 157 -8.92 -37.46 -14.02
N LEU A 158 -9.70 -37.10 -15.05
CA LEU A 158 -11.05 -37.64 -15.29
C LEU A 158 -11.07 -39.16 -15.41
N LYS A 159 -9.99 -39.69 -15.96
CA LYS A 159 -9.85 -41.11 -16.14
C LYS A 159 -9.76 -41.78 -14.76
N ARG A 160 -8.79 -41.35 -13.96
CA ARG A 160 -8.61 -41.89 -12.61
C ARG A 160 -9.84 -41.57 -11.76
N LEU A 161 -10.50 -40.44 -11.99
CA LEU A 161 -11.66 -40.16 -11.20
C LEU A 161 -12.63 -41.29 -11.44
N ARG A 162 -12.80 -41.66 -12.70
CA ARG A 162 -13.76 -42.68 -13.05
C ARG A 162 -13.51 -44.10 -12.54
N GLU A 163 -12.26 -44.40 -12.23
CA GLU A 163 -11.89 -45.70 -11.74
C GLU A 163 -12.15 -45.84 -10.25
N GLY A 164 -12.54 -44.75 -9.62
CA GLY A 164 -12.81 -44.78 -8.19
C GLY A 164 -13.01 -43.38 -7.67
N MET A 165 -14.27 -42.93 -7.70
CA MET A 165 -14.60 -41.61 -7.23
C MET A 165 -14.62 -41.52 -5.70
N PRO A 166 -13.78 -40.63 -5.12
CA PRO A 166 -13.77 -40.51 -3.66
C PRO A 166 -15.13 -40.03 -3.22
N GLU A 167 -15.57 -40.49 -2.05
CA GLU A 167 -16.87 -40.10 -1.57
C GLU A 167 -16.81 -39.13 -0.40
N CYS A 168 -17.95 -38.50 -0.13
CA CYS A 168 -18.06 -37.58 0.97
C CYS A 168 -18.24 -38.37 2.25
N VAL A 169 -17.38 -38.12 3.25
CA VAL A 169 -17.51 -38.77 4.54
C VAL A 169 -18.43 -37.87 5.37
N ALA A 170 -19.19 -38.45 6.28
CA ALA A 170 -20.12 -37.70 7.09
C ALA A 170 -19.49 -37.05 8.33
N ALA A 171 -20.26 -36.12 8.92
CA ALA A 171 -19.83 -35.44 10.11
C ALA A 171 -19.83 -36.52 11.17
N PRO A 172 -18.86 -36.49 12.08
CA PRO A 172 -18.92 -37.55 13.09
C PRO A 172 -20.20 -37.43 13.92
N LYS A 173 -20.65 -38.54 14.49
CA LYS A 173 -21.82 -38.53 15.36
C LYS A 173 -21.33 -38.20 16.80
N VAL A 174 -22.26 -37.86 17.70
CA VAL A 174 -21.90 -37.56 19.09
C VAL A 174 -21.09 -38.67 19.77
N ARG A 175 -20.06 -38.28 20.52
CA ARG A 175 -19.22 -39.24 21.24
C ARG A 175 -20.02 -39.94 22.36
N SER A 176 -19.56 -41.12 22.79
CA SER A 176 -20.22 -41.89 23.84
C SER A 176 -20.37 -41.02 25.09
N SER A 177 -19.34 -40.26 25.43
CA SER A 177 -19.36 -39.34 26.58
C SER A 177 -20.44 -38.23 26.53
N GLY A 178 -21.13 -38.09 25.40
CA GLY A 178 -22.14 -37.06 25.29
C GLY A 178 -21.59 -35.68 24.98
N SER A 179 -22.51 -34.75 24.73
CA SER A 179 -22.18 -33.36 24.41
C SER A 179 -21.49 -32.72 25.59
N ILE A 180 -20.75 -31.67 25.32
CA ILE A 180 -20.04 -30.96 26.37
C ILE A 180 -20.33 -29.47 26.21
N GLU A 181 -19.80 -28.69 27.15
CA GLU A 181 -19.97 -27.25 27.13
C GLU A 181 -18.81 -26.59 26.38
N PRO A 182 -19.15 -25.76 25.39
CA PRO A 182 -18.11 -25.08 24.61
C PRO A 182 -17.29 -24.13 25.48
N SER A 183 -15.99 -24.08 25.22
CA SER A 183 -15.09 -23.17 25.90
C SER A 183 -15.47 -21.75 25.43
N PRO A 184 -14.92 -20.72 26.07
CA PRO A 184 -15.30 -19.38 25.58
C PRO A 184 -14.66 -18.99 24.23
N SER A 185 -15.43 -18.26 23.43
CA SER A 185 -15.04 -17.78 22.11
C SER A 185 -13.58 -17.38 22.01
N ILE A 186 -12.95 -17.75 20.91
CA ILE A 186 -11.55 -17.44 20.67
C ILE A 186 -11.44 -16.13 19.87
N THR A 187 -10.36 -15.40 20.08
CA THR A 187 -10.10 -14.17 19.36
C THR A 187 -8.68 -14.32 18.83
N LEU A 188 -8.53 -14.24 17.50
CA LEU A 188 -7.21 -14.39 16.89
C LEU A 188 -6.51 -13.05 17.01
N ASN A 189 -5.26 -13.09 17.44
CA ASN A 189 -4.50 -11.87 17.58
C ASN A 189 -3.79 -11.59 16.26
N TYR A 190 -4.52 -11.08 15.27
CA TYR A 190 -3.95 -10.79 13.96
C TYR A 190 -4.87 -9.74 13.43
N PRO A 191 -4.33 -8.72 12.73
CA PRO A 191 -5.25 -7.70 12.22
C PRO A 191 -6.34 -8.32 11.39
N ARG A 192 -7.56 -7.94 11.67
CA ARG A 192 -8.72 -8.46 10.96
C ARG A 192 -9.65 -7.34 10.50
N GLN A 193 -10.38 -7.60 9.42
CA GLN A 193 -11.34 -6.64 8.87
C GLN A 193 -12.55 -7.45 8.45
N SER A 194 -13.70 -6.79 8.40
CA SER A 194 -14.97 -7.41 8.01
C SER A 194 -15.14 -7.63 6.50
N PHE A 195 -16.20 -8.36 6.14
CA PHE A 195 -16.52 -8.67 4.75
C PHE A 195 -18.01 -8.98 4.64
N ASP A 196 -18.52 -9.05 3.42
CA ASP A 196 -19.93 -9.35 3.23
C ASP A 196 -20.14 -10.83 3.56
N THR A 197 -20.86 -11.13 4.63
CA THR A 197 -21.13 -12.53 5.00
C THR A 197 -22.17 -13.16 4.05
N ALA A 198 -22.83 -12.32 3.26
CA ALA A 198 -23.82 -12.77 2.28
C ALA A 198 -23.11 -13.48 1.11
N HIS A 199 -22.02 -12.88 0.63
CA HIS A 199 -21.26 -13.46 -0.47
C HIS A 199 -20.33 -14.55 0.03
N PHE A 200 -19.74 -14.30 1.19
CA PHE A 200 -18.80 -15.23 1.78
C PHE A 200 -19.33 -15.68 3.12
N PRO A 201 -20.13 -16.76 3.13
CA PRO A 201 -20.72 -17.31 4.35
C PRO A 201 -19.69 -17.83 5.37
N VAL A 202 -19.89 -17.47 6.63
CA VAL A 202 -19.00 -17.91 7.69
C VAL A 202 -19.47 -19.24 8.31
N GLU A 203 -20.79 -19.50 8.31
CA GLU A 203 -21.34 -20.73 8.86
C GLU A 203 -21.27 -21.90 7.88
N GLU A 204 -21.03 -23.09 8.40
CA GLU A 204 -20.94 -24.29 7.61
C GLU A 204 -22.23 -24.57 6.84
N LYS A 205 -23.38 -24.48 7.50
CA LYS A 205 -24.64 -24.73 6.81
C LYS A 205 -24.87 -23.73 5.68
N ALA A 206 -24.44 -22.49 5.89
CA ALA A 206 -24.58 -21.43 4.90
C ALA A 206 -23.68 -21.70 3.72
N ALA A 207 -22.49 -22.23 3.96
CA ALA A 207 -21.55 -22.53 2.89
C ALA A 207 -22.19 -23.61 2.02
N ILE A 208 -22.72 -24.64 2.68
CA ILE A 208 -23.34 -25.76 2.00
C ILE A 208 -24.54 -25.32 1.18
N ALA A 209 -25.35 -24.44 1.76
CA ALA A 209 -26.54 -23.93 1.08
C ALA A 209 -26.15 -23.17 -0.18
N GLN A 210 -25.01 -22.48 -0.13
CA GLN A 210 -24.57 -21.69 -1.26
C GLN A 210 -24.07 -22.58 -2.38
N LEU A 211 -23.48 -23.71 -2.01
CA LEU A 211 -22.99 -24.69 -2.99
C LEU A 211 -24.20 -25.38 -3.65
N ARG A 212 -25.22 -25.64 -2.84
CA ARG A 212 -26.45 -26.27 -3.28
C ARG A 212 -27.11 -25.39 -4.34
N GLN A 213 -27.43 -24.18 -3.94
CA GLN A 213 -28.06 -23.20 -4.79
C GLN A 213 -27.29 -22.96 -6.08
N PHE A 214 -25.98 -22.80 -6.00
CA PHE A 214 -25.23 -22.56 -7.21
C PHE A 214 -25.36 -23.74 -8.16
N CYS A 215 -25.13 -24.94 -7.66
CA CYS A 215 -25.23 -26.14 -8.49
C CYS A 215 -26.58 -26.32 -9.16
N GLN A 216 -27.63 -25.89 -8.49
CA GLN A 216 -28.98 -25.99 -9.03
C GLN A 216 -29.22 -25.00 -10.16
N ASN A 217 -28.91 -23.74 -9.91
CA ASN A 217 -29.12 -22.71 -10.90
C ASN A 217 -27.85 -22.36 -11.69
N GLY A 218 -26.95 -21.66 -11.01
CA GLY A 218 -25.71 -21.20 -11.62
C GLY A 218 -24.82 -22.10 -12.44
N ALA A 219 -24.63 -23.35 -12.03
CA ALA A 219 -23.73 -24.22 -12.78
C ALA A 219 -24.18 -24.52 -14.21
N GLY A 220 -25.47 -24.37 -14.48
CA GLY A 220 -25.98 -24.63 -15.82
C GLY A 220 -25.70 -23.48 -16.78
N GLU A 221 -25.83 -22.25 -16.27
CA GLU A 221 -25.61 -21.00 -17.00
C GLU A 221 -24.15 -20.54 -17.00
N TYR A 222 -23.37 -21.13 -16.10
CA TYR A 222 -21.97 -20.77 -15.95
C TYR A 222 -21.15 -20.38 -17.18
N GLU A 223 -21.06 -21.25 -18.19
CA GLU A 223 -20.28 -20.95 -19.39
C GLU A 223 -20.67 -19.64 -20.06
N GLN A 224 -21.96 -19.33 -20.05
CA GLN A 224 -22.44 -18.10 -20.66
C GLN A 224 -22.39 -16.87 -19.78
N GLN A 225 -22.25 -17.05 -18.47
CA GLN A 225 -22.21 -15.90 -17.58
C GLN A 225 -20.92 -15.62 -16.80
N ARG A 226 -20.04 -16.61 -16.75
CA ARG A 226 -18.81 -16.47 -15.99
C ARG A 226 -17.84 -15.36 -16.39
N ASP A 227 -18.01 -14.76 -17.57
CA ASP A 227 -17.07 -13.74 -18.03
C ASP A 227 -17.43 -12.30 -17.68
N PHE A 228 -18.67 -12.08 -17.27
CA PHE A 228 -19.16 -10.74 -16.96
C PHE A 228 -19.12 -10.31 -15.52
N PRO A 229 -18.14 -9.45 -15.18
CA PRO A 229 -18.03 -8.99 -13.79
C PRO A 229 -19.26 -8.30 -13.24
N ALA A 230 -20.04 -7.66 -14.11
CA ALA A 230 -21.26 -6.99 -13.65
C ALA A 230 -22.31 -8.01 -13.23
N VAL A 231 -22.11 -9.26 -13.63
CA VAL A 231 -23.02 -10.37 -13.36
C VAL A 231 -22.54 -11.31 -12.25
N GLU A 232 -23.49 -11.82 -11.48
CA GLU A 232 -23.20 -12.78 -10.42
C GLU A 232 -23.26 -14.18 -11.00
N GLY A 233 -22.29 -14.52 -11.84
CA GLY A 233 -22.28 -15.82 -12.50
C GLY A 233 -21.28 -16.85 -12.00
N THR A 234 -20.58 -16.53 -10.92
CA THR A 234 -19.63 -17.46 -10.33
C THR A 234 -20.17 -17.87 -8.94
N SER A 235 -19.55 -18.87 -8.32
CA SER A 235 -20.05 -19.32 -7.01
C SER A 235 -19.70 -18.50 -5.78
N ARG A 236 -18.51 -17.89 -5.74
CA ARG A 236 -18.06 -17.12 -4.59
C ARG A 236 -17.82 -18.07 -3.41
N LEU A 237 -17.38 -19.27 -3.76
CA LEU A 237 -17.10 -20.33 -2.79
C LEU A 237 -15.60 -20.45 -2.60
N SER A 238 -14.84 -19.58 -3.27
CA SER A 238 -13.38 -19.60 -3.20
C SER A 238 -12.83 -19.36 -1.79
N ALA A 239 -13.52 -18.53 -1.00
CA ALA A 239 -13.09 -18.24 0.39
C ALA A 239 -13.24 -19.50 1.27
N SER A 240 -14.39 -20.16 1.17
CA SER A 240 -14.69 -21.38 1.90
C SER A 240 -13.71 -22.48 1.47
N LEU A 241 -13.46 -22.59 0.16
CA LEU A 241 -12.53 -23.61 -0.33
C LEU A 241 -11.10 -23.36 0.11
N ALA A 242 -10.68 -22.09 0.12
CA ALA A 242 -9.29 -21.74 0.52
C ALA A 242 -8.99 -21.94 2.01
N THR A 243 -10.00 -21.71 2.86
CA THR A 243 -9.85 -21.84 4.30
C THR A 243 -10.28 -23.21 4.84
N GLY A 244 -10.94 -23.99 3.99
CA GLY A 244 -11.39 -25.31 4.39
C GLY A 244 -12.79 -25.35 4.97
N GLY A 245 -13.58 -24.32 4.72
CA GLY A 245 -14.95 -24.27 5.20
C GLY A 245 -15.79 -25.26 4.41
N LEU A 246 -15.26 -25.68 3.26
CA LEU A 246 -15.89 -26.65 2.37
C LEU A 246 -14.77 -27.44 1.75
N SER A 247 -15.08 -28.69 1.36
CA SER A 247 -14.10 -29.53 0.70
C SER A 247 -14.47 -29.61 -0.79
N PRO A 248 -13.50 -29.94 -1.65
CA PRO A 248 -13.71 -30.04 -3.09
C PRO A 248 -14.59 -31.26 -3.49
N ARG A 249 -14.74 -32.23 -2.59
CA ARG A 249 -15.59 -33.39 -2.84
C ARG A 249 -17.03 -33.01 -2.61
N GLN A 250 -17.28 -32.06 -1.71
CA GLN A 250 -18.63 -31.61 -1.46
C GLN A 250 -19.12 -30.91 -2.74
N CYS A 251 -18.22 -30.16 -3.36
CA CYS A 251 -18.50 -29.43 -4.60
C CYS A 251 -18.74 -30.43 -5.73
N LEU A 252 -17.86 -31.43 -5.85
CA LEU A 252 -17.98 -32.48 -6.87
C LEU A 252 -19.31 -33.22 -6.77
N HIS A 253 -19.58 -33.80 -5.60
CA HIS A 253 -20.81 -34.58 -5.46
C HIS A 253 -22.07 -33.77 -5.59
N ARG A 254 -22.06 -32.54 -5.08
CA ARG A 254 -23.22 -31.68 -5.18
C ARG A 254 -23.43 -31.26 -6.64
N LEU A 255 -22.33 -31.09 -7.37
CA LEU A 255 -22.41 -30.73 -8.78
C LEU A 255 -23.04 -31.89 -9.57
N LEU A 256 -22.44 -33.09 -9.51
CA LEU A 256 -22.99 -34.23 -10.24
C LEU A 256 -24.42 -34.57 -9.89
N ALA A 257 -24.84 -34.20 -8.69
CA ALA A 257 -26.19 -34.45 -8.25
C ALA A 257 -27.18 -33.58 -9.02
N GLU A 258 -26.76 -32.37 -9.42
CA GLU A 258 -27.65 -31.46 -10.11
C GLU A 258 -27.40 -31.39 -11.60
N GLN A 259 -26.17 -31.66 -11.99
CA GLN A 259 -25.73 -31.64 -13.37
C GLN A 259 -25.05 -32.99 -13.58
N PRO A 260 -25.86 -34.04 -13.74
CA PRO A 260 -25.46 -35.43 -13.95
C PRO A 260 -24.41 -35.62 -15.03
N GLN A 261 -24.59 -34.89 -16.13
CA GLN A 261 -23.66 -35.02 -17.25
C GLN A 261 -22.39 -34.22 -17.17
N ALA A 262 -22.20 -33.49 -16.08
CA ALA A 262 -21.01 -32.68 -15.91
C ALA A 262 -19.75 -33.46 -16.20
N LEU A 263 -19.74 -34.73 -15.84
CA LEU A 263 -18.55 -35.54 -16.08
C LEU A 263 -18.30 -35.90 -17.55
N ASP A 264 -19.36 -35.83 -18.34
CA ASP A 264 -19.30 -36.19 -19.74
C ASP A 264 -19.49 -35.04 -20.74
N GLY A 265 -19.17 -33.82 -20.34
CA GLY A 265 -19.30 -32.70 -21.24
C GLY A 265 -20.62 -31.96 -21.21
N GLY A 266 -21.58 -32.44 -20.43
CA GLY A 266 -22.85 -31.74 -20.37
C GLY A 266 -22.76 -30.47 -19.55
N ALA A 267 -23.92 -29.90 -19.19
CA ALA A 267 -23.98 -28.69 -18.37
C ALA A 267 -23.22 -28.95 -17.07
N GLY A 268 -22.59 -27.91 -16.53
CA GLY A 268 -21.84 -28.08 -15.30
C GLY A 268 -20.40 -28.53 -15.55
N SER A 269 -20.08 -28.92 -16.78
CA SER A 269 -18.72 -29.37 -17.06
C SER A 269 -17.67 -28.27 -17.12
N VAL A 270 -18.13 -27.03 -17.38
CA VAL A 270 -17.23 -25.89 -17.47
C VAL A 270 -16.84 -25.45 -16.08
N TRP A 271 -17.77 -25.54 -15.13
CA TRP A 271 -17.49 -25.22 -13.73
C TRP A 271 -16.52 -26.29 -13.16
N LEU A 272 -16.73 -27.53 -13.55
CA LEU A 272 -15.87 -28.66 -13.14
C LEU A 272 -14.43 -28.45 -13.60
N ASN A 273 -14.31 -27.96 -14.82
CA ASN A 273 -13.01 -27.67 -15.42
C ASN A 273 -12.20 -26.74 -14.46
N GLU A 274 -12.87 -25.76 -13.85
CA GLU A 274 -12.21 -24.84 -12.91
C GLU A 274 -11.73 -25.54 -11.62
N LEU A 275 -12.48 -26.55 -11.18
CA LEU A 275 -12.12 -27.34 -10.00
C LEU A 275 -10.97 -28.22 -10.36
N ILE A 276 -10.75 -28.44 -11.67
CA ILE A 276 -9.64 -29.27 -12.11
C ILE A 276 -8.38 -28.40 -12.24
N TRP A 277 -8.59 -27.09 -12.45
CA TRP A 277 -7.48 -26.12 -12.48
C TRP A 277 -6.93 -26.01 -11.07
N ARG A 278 -7.84 -25.94 -10.10
CA ARG A 278 -7.50 -25.89 -8.68
C ARG A 278 -6.66 -27.11 -8.32
N GLU A 279 -7.09 -28.28 -8.81
CA GLU A 279 -6.39 -29.55 -8.57
C GLU A 279 -5.01 -29.51 -9.16
N PHE A 280 -4.94 -29.04 -10.40
CA PHE A 280 -3.69 -28.98 -11.15
C PHE A 280 -2.63 -28.22 -10.38
N TYR A 281 -2.97 -26.98 -10.01
CA TYR A 281 -2.09 -26.06 -9.28
C TYR A 281 -1.62 -26.63 -7.93
N ARG A 282 -2.48 -27.37 -7.24
CA ARG A 282 -2.08 -27.97 -5.97
C ARG A 282 -1.14 -29.15 -6.14
N HIS A 283 -1.35 -29.96 -7.17
CA HIS A 283 -0.45 -31.09 -7.41
C HIS A 283 0.91 -30.55 -7.87
N LEU A 284 0.86 -29.50 -8.68
CA LEU A 284 2.04 -28.89 -9.26
C LEU A 284 3.02 -28.37 -8.21
N ILE A 285 2.57 -27.60 -7.23
CA ILE A 285 3.48 -27.11 -6.17
C ILE A 285 3.99 -28.28 -5.32
N THR A 286 3.23 -29.37 -5.29
CA THR A 286 3.63 -30.56 -4.55
C THR A 286 4.86 -31.20 -5.17
N TYR A 287 4.93 -31.16 -6.50
CA TYR A 287 6.06 -31.72 -7.23
C TYR A 287 7.15 -30.71 -7.56
N HIS A 288 6.79 -29.43 -7.55
CA HIS A 288 7.71 -28.32 -7.82
C HIS A 288 7.62 -27.32 -6.66
N PRO A 289 8.31 -27.64 -5.53
CA PRO A 289 8.34 -26.82 -4.31
C PRO A 289 8.96 -25.44 -4.55
N SER A 290 9.84 -25.32 -5.53
CA SER A 290 10.47 -24.05 -5.84
C SER A 290 9.42 -22.98 -6.22
N LEU A 291 8.21 -23.42 -6.59
CA LEU A 291 7.13 -22.52 -6.93
C LEU A 291 6.66 -21.80 -5.66
N CYS A 292 6.93 -22.42 -4.51
CA CYS A 292 6.58 -21.82 -3.22
C CYS A 292 7.72 -20.87 -2.76
N LYS A 293 8.86 -20.95 -3.45
CA LYS A 293 10.04 -20.15 -3.13
C LYS A 293 10.33 -19.00 -4.09
N HIS A 294 9.26 -18.41 -4.64
CA HIS A 294 9.37 -17.27 -5.57
C HIS A 294 10.14 -17.50 -6.85
N ARG A 295 10.25 -18.76 -7.28
CA ARG A 295 10.97 -19.07 -8.50
C ARG A 295 9.92 -19.21 -9.60
N PRO A 296 10.25 -18.83 -10.84
CA PRO A 296 9.27 -18.94 -11.92
C PRO A 296 9.39 -20.37 -12.46
N PHE A 297 8.42 -20.83 -13.23
CA PHE A 297 8.53 -22.18 -13.77
C PHE A 297 9.43 -22.12 -15.00
N ILE A 298 9.28 -21.05 -15.78
CA ILE A 298 10.08 -20.87 -16.99
C ILE A 298 11.31 -20.07 -16.63
N ALA A 299 12.41 -20.76 -16.38
CA ALA A 299 13.66 -20.11 -15.98
C ALA A 299 14.12 -18.81 -16.64
N TRP A 300 14.09 -18.75 -17.98
CA TRP A 300 14.57 -17.56 -18.70
C TRP A 300 13.76 -16.30 -18.42
N THR A 301 12.54 -16.44 -17.89
CA THR A 301 11.74 -15.28 -17.63
C THR A 301 12.37 -14.48 -16.49
N ASP A 302 13.20 -15.16 -15.70
CA ASP A 302 13.90 -14.52 -14.61
C ASP A 302 14.92 -13.55 -15.17
N ARG A 303 15.10 -13.58 -16.48
CA ARG A 303 16.05 -12.69 -17.14
C ARG A 303 15.39 -11.40 -17.62
N VAL A 304 14.08 -11.34 -17.57
CA VAL A 304 13.39 -10.14 -17.99
C VAL A 304 13.77 -9.01 -17.03
N GLN A 305 14.08 -7.87 -17.61
CA GLN A 305 14.47 -6.70 -16.86
C GLN A 305 13.23 -5.93 -16.43
N TRP A 306 12.67 -6.33 -15.28
CA TRP A 306 11.48 -5.70 -14.74
C TRP A 306 11.76 -4.25 -14.37
N GLN A 307 10.71 -3.44 -14.46
CA GLN A 307 10.80 -2.06 -14.13
C GLN A 307 10.68 -1.78 -12.65
N SER A 308 11.67 -1.09 -12.08
CA SER A 308 11.61 -0.70 -10.68
C SER A 308 10.94 0.66 -10.72
N ASN A 309 9.64 0.70 -10.44
CA ASN A 309 8.93 1.98 -10.47
C ASN A 309 7.83 2.06 -9.42
N PRO A 310 8.15 2.70 -8.28
CA PRO A 310 7.22 2.87 -7.15
C PRO A 310 5.97 3.64 -7.45
N ALA A 311 6.06 4.61 -8.33
CA ALA A 311 4.91 5.42 -8.66
C ALA A 311 3.91 4.58 -9.43
N HIS A 312 4.40 3.76 -10.36
CA HIS A 312 3.52 2.94 -11.17
C HIS A 312 2.80 1.82 -10.41
N LEU A 313 3.55 1.14 -9.55
CA LEU A 313 3.02 0.08 -8.70
C LEU A 313 1.96 0.67 -7.75
N GLN A 314 2.26 1.84 -7.17
CA GLN A 314 1.32 2.51 -6.26
C GLN A 314 0.03 2.88 -6.94
N ALA A 315 0.12 3.36 -8.18
CA ALA A 315 -1.07 3.74 -8.95
C ALA A 315 -1.93 2.51 -9.25
N TRP A 316 -1.28 1.39 -9.54
CA TRP A 316 -1.99 0.14 -9.80
C TRP A 316 -2.69 -0.29 -8.50
N GLN A 317 -1.94 -0.41 -7.41
CA GLN A 317 -2.51 -0.80 -6.11
C GLN A 317 -3.70 0.04 -5.67
N GLU A 318 -3.64 1.34 -5.91
CA GLU A 318 -4.73 2.22 -5.49
C GLU A 318 -5.85 2.34 -6.49
N GLY A 319 -5.63 1.80 -7.69
CA GLY A 319 -6.64 1.86 -8.73
C GLY A 319 -6.74 3.25 -9.32
N LYS A 320 -5.60 3.78 -9.71
CA LYS A 320 -5.51 5.12 -10.30
C LYS A 320 -4.65 5.09 -11.59
N THR A 321 -4.80 4.04 -12.39
CA THR A 321 -4.04 3.88 -13.62
C THR A 321 -4.59 4.65 -14.79
N GLY A 322 -5.85 5.04 -14.72
CA GLY A 322 -6.46 5.71 -15.85
C GLY A 322 -7.22 4.78 -16.80
N TYR A 323 -7.22 3.48 -16.50
CA TYR A 323 -7.92 2.47 -17.31
C TYR A 323 -9.13 2.02 -16.46
N PRO A 324 -10.35 2.50 -16.78
CA PRO A 324 -11.51 2.13 -15.99
C PRO A 324 -11.69 0.67 -15.51
N ILE A 325 -11.54 -0.29 -16.41
CA ILE A 325 -11.72 -1.70 -16.05
C ILE A 325 -10.69 -2.22 -15.03
N VAL A 326 -9.46 -1.71 -15.13
CA VAL A 326 -8.37 -2.05 -14.22
C VAL A 326 -8.62 -1.36 -12.86
N ASP A 327 -9.00 -0.08 -12.90
CA ASP A 327 -9.27 0.69 -11.70
C ASP A 327 -10.46 0.19 -10.92
N ALA A 328 -11.55 -0.11 -11.61
CA ALA A 328 -12.76 -0.62 -10.96
C ALA A 328 -12.47 -1.98 -10.27
N ALA A 329 -11.63 -2.79 -10.91
CA ALA A 329 -11.26 -4.09 -10.39
C ALA A 329 -10.48 -3.94 -9.08
N MET A 330 -9.58 -2.97 -9.01
CA MET A 330 -8.78 -2.72 -7.82
C MET A 330 -9.61 -2.15 -6.70
N ARG A 331 -10.57 -1.29 -7.00
CA ARG A 331 -11.42 -0.77 -5.95
C ARG A 331 -12.23 -1.97 -5.40
N GLN A 332 -12.71 -2.86 -6.27
CA GLN A 332 -13.46 -4.04 -5.84
C GLN A 332 -12.61 -4.86 -4.83
N LEU A 333 -11.38 -5.17 -5.20
CA LEU A 333 -10.44 -5.92 -4.37
C LEU A 333 -10.17 -5.21 -3.05
N ASN A 334 -9.64 -4.00 -3.15
CA ASN A 334 -9.34 -3.21 -1.97
C ASN A 334 -10.50 -3.06 -1.03
N SER A 335 -11.73 -3.01 -1.54
CA SER A 335 -12.88 -2.87 -0.65
C SER A 335 -13.72 -4.12 -0.25
N THR A 336 -13.48 -5.27 -0.87
CA THR A 336 -14.25 -6.46 -0.53
C THR A 336 -13.40 -7.70 -0.31
N GLY A 337 -12.14 -7.65 -0.69
CA GLY A 337 -11.28 -8.78 -0.52
C GLY A 337 -11.45 -9.81 -1.62
N TRP A 338 -12.25 -9.50 -2.63
CA TRP A 338 -12.49 -10.42 -3.75
C TRP A 338 -12.49 -9.66 -5.09
N MET A 339 -12.08 -10.34 -6.16
CA MET A 339 -12.07 -9.78 -7.52
C MET A 339 -12.53 -10.88 -8.50
N HIS A 340 -13.37 -10.49 -9.45
CA HIS A 340 -13.87 -11.40 -10.48
C HIS A 340 -12.67 -11.93 -11.24
N ASN A 341 -12.71 -13.20 -11.61
CA ASN A 341 -11.62 -13.86 -12.31
C ASN A 341 -11.14 -13.17 -13.58
N ARG A 342 -12.09 -12.78 -14.42
CA ARG A 342 -11.80 -12.06 -15.67
C ARG A 342 -10.95 -10.84 -15.31
N LEU A 343 -11.32 -10.15 -14.25
CA LEU A 343 -10.58 -8.98 -13.77
C LEU A 343 -9.26 -9.36 -13.12
N ARG A 344 -9.14 -10.55 -12.50
CA ARG A 344 -7.86 -10.92 -11.93
C ARG A 344 -6.90 -11.11 -13.07
N MET A 345 -7.42 -11.58 -14.20
CA MET A 345 -6.58 -11.77 -15.39
C MET A 345 -6.13 -10.43 -15.99
N ILE A 346 -7.09 -9.53 -16.17
CA ILE A 346 -6.84 -8.19 -16.74
C ILE A 346 -5.87 -7.30 -15.90
N THR A 347 -6.10 -7.21 -14.59
CA THR A 347 -5.26 -6.41 -13.69
C THR A 347 -3.86 -6.97 -13.52
N ALA A 348 -3.74 -8.29 -13.55
CA ALA A 348 -2.44 -8.92 -13.38
C ALA A 348 -1.64 -8.73 -14.65
N SER A 349 -2.37 -8.72 -15.77
CA SER A 349 -1.73 -8.54 -17.07
C SER A 349 -1.28 -7.09 -17.18
N PHE A 350 -2.12 -6.16 -16.72
CA PHE A 350 -1.78 -4.75 -16.76
C PHE A 350 -0.52 -4.46 -15.95
N LEU A 351 -0.38 -5.08 -14.77
CA LEU A 351 0.79 -4.84 -13.96
C LEU A 351 2.08 -5.35 -14.58
N VAL A 352 2.05 -6.61 -15.02
CA VAL A 352 3.23 -7.24 -15.60
C VAL A 352 3.58 -6.87 -17.03
N LYS A 353 2.56 -6.67 -17.85
CA LYS A 353 2.76 -6.39 -19.28
C LYS A 353 2.58 -4.98 -19.85
N ASP A 354 1.98 -4.10 -19.08
CA ASP A 354 1.82 -2.71 -19.48
C ASP A 354 2.80 -1.87 -18.66
N LEU A 355 3.05 -2.28 -17.43
CA LEU A 355 3.96 -1.54 -16.56
C LEU A 355 5.29 -2.24 -16.42
N LEU A 356 5.34 -3.50 -16.83
CA LEU A 356 6.53 -4.33 -16.77
C LEU A 356 7.11 -4.44 -15.35
N ILE A 357 6.21 -4.52 -14.37
CA ILE A 357 6.60 -4.67 -12.97
C ILE A 357 6.59 -6.15 -12.61
N ASP A 358 7.59 -6.55 -11.84
CA ASP A 358 7.78 -7.92 -11.39
C ASP A 358 6.46 -8.48 -10.91
N TRP A 359 6.11 -9.66 -11.43
CA TRP A 359 4.86 -10.31 -11.06
C TRP A 359 4.81 -10.63 -9.55
N ARG A 360 5.95 -10.87 -8.91
CA ARG A 360 5.96 -11.17 -7.46
C ARG A 360 5.46 -10.01 -6.65
N GLU A 361 5.48 -8.80 -7.23
CA GLU A 361 4.97 -7.62 -6.53
C GLU A 361 3.45 -7.68 -6.50
N GLY A 362 2.85 -7.96 -7.66
CA GLY A 362 1.40 -8.07 -7.75
C GLY A 362 0.83 -9.21 -6.93
N GLU A 363 1.52 -10.34 -6.96
CA GLU A 363 1.18 -11.56 -6.21
C GLU A 363 1.05 -11.25 -4.70
N ARG A 364 2.12 -10.71 -4.12
CA ARG A 364 2.17 -10.31 -2.72
C ARG A 364 1.03 -9.37 -2.39
N TYR A 365 0.79 -8.38 -3.24
CA TYR A 365 -0.30 -7.44 -3.00
C TYR A 365 -1.65 -8.13 -3.01
N PHE A 366 -1.83 -9.06 -3.95
CA PHE A 366 -3.08 -9.80 -4.05
C PHE A 366 -3.27 -10.62 -2.76
N MET A 367 -2.23 -11.33 -2.36
CA MET A 367 -2.29 -12.12 -1.14
C MET A 367 -2.73 -11.26 0.06
N SER A 368 -2.12 -10.08 0.18
CA SER A 368 -2.43 -9.17 1.27
C SER A 368 -3.86 -8.68 1.30
N GLN A 369 -4.60 -8.83 0.21
CA GLN A 369 -5.99 -8.35 0.17
C GLN A 369 -7.04 -9.43 0.03
N LEU A 370 -6.68 -10.48 -0.69
CA LEU A 370 -7.58 -11.58 -1.01
C LEU A 370 -8.17 -12.39 0.16
N ILE A 371 -9.50 -12.41 0.29
CA ILE A 371 -10.17 -13.20 1.32
C ILE A 371 -9.99 -14.71 0.97
N ASP A 372 -9.72 -14.98 -0.32
CA ASP A 372 -9.50 -16.33 -0.81
C ASP A 372 -8.05 -16.61 -1.16
N GLY A 373 -7.17 -15.79 -0.62
CA GLY A 373 -5.75 -15.93 -0.86
C GLY A 373 -5.35 -17.35 -0.60
N ASP A 374 -4.64 -17.93 -1.58
CA ASP A 374 -4.19 -19.31 -1.56
C ASP A 374 -2.93 -19.37 -2.42
N LEU A 375 -1.84 -19.88 -1.88
CA LEU A 375 -0.59 -19.95 -2.61
C LEU A 375 -0.61 -20.60 -3.99
N ALA A 376 -1.13 -21.83 -4.07
CA ALA A 376 -1.21 -22.55 -5.35
C ALA A 376 -2.01 -21.83 -6.44
N ALA A 377 -3.17 -21.30 -6.06
CA ALA A 377 -4.04 -20.60 -6.99
C ALA A 377 -3.55 -19.19 -7.36
N ASN A 378 -3.01 -18.46 -6.38
CA ASN A 378 -2.50 -17.10 -6.59
C ASN A 378 -1.20 -17.19 -7.36
N ASN A 379 -0.26 -17.99 -6.88
CA ASN A 379 1.01 -18.11 -7.60
C ASN A 379 0.73 -18.54 -9.04
N GLY A 380 -0.15 -19.52 -9.18
CA GLY A 380 -0.52 -20.06 -10.47
C GLY A 380 -1.14 -19.02 -11.37
N GLY A 381 -2.05 -18.22 -10.84
CA GLY A 381 -2.67 -17.20 -11.65
C GLY A 381 -1.69 -16.11 -12.08
N TRP A 382 -0.76 -15.75 -11.19
CA TRP A 382 0.22 -14.72 -11.50
C TRP A 382 1.23 -15.22 -12.50
N GLN A 383 1.71 -16.45 -12.35
CA GLN A 383 2.67 -17.01 -13.29
C GLN A 383 2.05 -17.24 -14.71
N TRP A 384 0.72 -17.33 -14.74
CA TRP A 384 -0.05 -17.50 -15.98
C TRP A 384 -0.10 -16.16 -16.73
N ALA A 385 -0.49 -15.09 -16.03
CA ALA A 385 -0.57 -13.76 -16.61
C ALA A 385 0.79 -13.22 -17.07
N ALA A 386 1.82 -13.60 -16.33
CA ALA A 386 3.17 -13.18 -16.60
C ALA A 386 3.91 -14.04 -17.63
N SER A 387 3.34 -15.20 -18.01
CA SER A 387 3.95 -16.10 -19.00
C SER A 387 5.21 -16.78 -18.42
N THR A 388 5.22 -16.97 -17.10
CA THR A 388 6.37 -17.57 -16.44
C THR A 388 6.01 -18.95 -15.93
N GLY A 389 4.70 -19.22 -15.88
CA GLY A 389 4.22 -20.49 -15.35
C GLY A 389 4.11 -21.71 -16.23
N THR A 390 3.41 -22.70 -15.68
CA THR A 390 3.19 -23.96 -16.35
C THR A 390 1.93 -23.77 -17.15
N ASP A 391 2.03 -23.94 -18.47
CA ASP A 391 0.85 -23.77 -19.32
C ASP A 391 0.27 -22.36 -19.11
N ALA A 392 1.16 -21.38 -19.19
CA ALA A 392 0.80 -19.98 -19.00
C ALA A 392 0.41 -19.31 -20.31
N ALA A 393 -0.01 -18.04 -20.22
CA ALA A 393 -0.38 -17.24 -21.38
C ALA A 393 0.94 -17.08 -22.14
N PRO A 394 0.90 -17.11 -23.49
CA PRO A 394 2.14 -16.94 -24.28
C PRO A 394 2.73 -15.54 -24.04
N TYR A 395 4.05 -15.41 -24.02
CA TYR A 395 4.62 -14.10 -23.70
C TYR A 395 4.08 -12.97 -24.58
N PHE A 396 3.73 -13.27 -25.84
CA PHE A 396 3.25 -12.27 -26.77
C PHE A 396 1.80 -11.92 -26.59
N ARG A 397 1.15 -12.60 -25.65
CA ARG A 397 -0.24 -12.35 -25.33
C ARG A 397 -0.34 -11.17 -24.33
N ILE A 398 -0.69 -10.00 -24.85
CA ILE A 398 -0.80 -8.79 -24.06
C ILE A 398 -2.23 -8.23 -24.08
N PHE A 399 -3.03 -8.62 -23.10
CA PHE A 399 -4.42 -8.13 -23.01
C PHE A 399 -4.50 -6.61 -23.17
N ASN A 400 -5.50 -6.15 -23.91
CA ASN A 400 -5.70 -4.71 -24.10
C ASN A 400 -6.86 -4.43 -23.17
N PRO A 401 -6.61 -3.67 -22.08
CA PRO A 401 -7.64 -3.33 -21.09
C PRO A 401 -8.90 -2.68 -21.65
N THR A 402 -8.75 -1.88 -22.70
CA THR A 402 -9.89 -1.20 -23.32
C THR A 402 -10.73 -2.23 -24.08
N THR A 403 -10.09 -3.06 -24.91
CA THR A 403 -10.79 -4.13 -25.65
C THR A 403 -11.45 -5.09 -24.63
N GLN A 404 -10.67 -5.57 -23.65
CA GLN A 404 -11.18 -6.46 -22.63
C GLN A 404 -12.40 -5.82 -21.99
N GLY A 405 -12.25 -4.58 -21.56
CA GLY A 405 -13.36 -3.89 -20.95
C GLY A 405 -14.57 -3.70 -21.83
N GLU A 406 -14.36 -3.45 -23.12
CA GLU A 406 -15.47 -3.24 -24.05
C GLU A 406 -16.23 -4.52 -24.29
N LYS A 407 -15.54 -5.65 -24.17
CA LYS A 407 -16.13 -6.96 -24.38
C LYS A 407 -16.96 -7.39 -23.15
N PHE A 408 -16.26 -7.53 -22.03
CA PHE A 408 -16.86 -7.99 -20.79
C PHE A 408 -17.66 -7.05 -19.96
N ASP A 409 -17.53 -5.76 -20.20
CA ASP A 409 -18.33 -4.79 -19.46
C ASP A 409 -18.71 -3.71 -20.48
N HIS A 410 -19.23 -4.19 -21.60
CA HIS A 410 -19.63 -3.36 -22.71
C HIS A 410 -20.36 -2.10 -22.33
N GLU A 411 -21.37 -2.21 -21.47
CA GLU A 411 -22.19 -1.08 -21.04
C GLU A 411 -21.59 -0.19 -19.91
N GLY A 412 -20.46 -0.63 -19.34
CA GLY A 412 -19.85 0.10 -18.26
C GLY A 412 -20.66 0.03 -16.99
N GLU A 413 -21.43 -1.04 -16.80
CA GLU A 413 -22.27 -1.19 -15.61
C GLU A 413 -21.40 -1.40 -14.39
N PHE A 414 -20.52 -2.39 -14.51
CA PHE A 414 -19.60 -2.74 -13.45
C PHE A 414 -18.74 -1.54 -13.15
N ILE A 415 -18.16 -1.00 -14.20
CA ILE A 415 -17.30 0.20 -14.11
C ILE A 415 -17.94 1.34 -13.33
N ARG A 416 -19.17 1.69 -13.69
CA ARG A 416 -19.83 2.79 -13.02
C ARG A 416 -20.18 2.49 -11.59
N GLN A 417 -20.21 1.21 -11.26
CA GLN A 417 -20.50 0.76 -9.91
C GLN A 417 -19.34 1.15 -8.98
N TRP A 418 -18.12 0.86 -9.43
CA TRP A 418 -16.91 1.12 -8.67
C TRP A 418 -16.18 2.43 -8.88
N LEU A 419 -16.51 3.16 -9.95
CA LEU A 419 -15.89 4.44 -10.29
C LEU A 419 -17.02 5.44 -10.43
N PRO A 420 -17.53 5.95 -9.29
CA PRO A 420 -18.63 6.92 -9.22
C PRO A 420 -18.31 8.22 -9.98
N GLU A 421 -17.03 8.55 -10.07
CA GLU A 421 -16.59 9.74 -10.79
C GLU A 421 -16.81 9.62 -12.31
N LEU A 422 -17.09 8.43 -12.81
CA LEU A 422 -17.33 8.23 -14.23
C LEU A 422 -18.80 7.97 -14.47
N ARG A 423 -19.63 8.20 -13.47
CA ARG A 423 -21.06 7.98 -13.63
C ARG A 423 -21.78 9.07 -14.42
N ASP A 424 -21.10 9.67 -15.38
CA ASP A 424 -21.67 10.71 -16.23
C ASP A 424 -21.15 10.66 -17.66
N VAL A 425 -20.15 9.80 -17.87
CA VAL A 425 -19.55 9.61 -19.19
C VAL A 425 -20.54 8.64 -19.89
N PRO A 426 -21.04 8.98 -21.09
CA PRO A 426 -21.96 8.08 -21.78
C PRO A 426 -21.48 6.73 -22.31
N GLY A 427 -22.17 5.69 -21.84
CA GLY A 427 -21.94 4.30 -22.21
C GLY A 427 -20.65 3.76 -22.80
N LYS A 428 -20.43 4.07 -24.07
CA LYS A 428 -19.25 3.58 -24.77
C LYS A 428 -17.97 4.31 -24.38
N VAL A 429 -17.96 5.65 -24.48
CA VAL A 429 -16.74 6.38 -24.13
C VAL A 429 -16.25 6.11 -22.71
N VAL A 430 -17.10 5.53 -21.87
CA VAL A 430 -16.73 5.23 -20.49
C VAL A 430 -15.45 4.43 -20.38
N HIS A 431 -15.07 3.74 -21.45
CA HIS A 431 -13.86 2.93 -21.46
C HIS A 431 -12.60 3.73 -21.72
N GLU A 432 -12.80 4.94 -22.24
CA GLU A 432 -11.72 5.89 -22.54
C GLU A 432 -12.37 7.23 -22.25
N PRO A 433 -12.65 7.50 -20.96
CA PRO A 433 -13.31 8.74 -20.54
C PRO A 433 -12.57 10.06 -20.85
N TRP A 434 -11.24 10.06 -20.83
CA TRP A 434 -10.53 11.30 -21.10
C TRP A 434 -10.55 11.70 -22.55
N LYS A 435 -10.66 10.73 -23.46
CA LYS A 435 -10.71 11.06 -24.88
C LYS A 435 -12.00 11.87 -25.09
N TRP A 436 -13.07 11.41 -24.46
CA TRP A 436 -14.33 12.12 -24.57
C TRP A 436 -14.32 13.41 -23.75
N ALA A 437 -13.70 13.39 -22.58
CA ALA A 437 -13.66 14.59 -21.72
C ALA A 437 -13.26 15.90 -22.41
N GLN A 438 -12.18 15.85 -23.22
CA GLN A 438 -11.69 17.03 -23.96
C GLN A 438 -12.73 17.48 -24.98
N LYS A 439 -13.26 16.53 -25.75
CA LYS A 439 -14.26 16.80 -26.80
C LYS A 439 -15.63 17.21 -26.27
N ALA A 440 -15.66 17.63 -25.01
CA ALA A 440 -16.87 18.09 -24.36
C ALA A 440 -16.48 19.19 -23.37
N GLY A 441 -15.22 19.62 -23.43
CA GLY A 441 -14.70 20.65 -22.54
C GLY A 441 -15.09 20.38 -21.10
N VAL A 442 -14.74 19.18 -20.62
CA VAL A 442 -15.10 18.78 -19.27
C VAL A 442 -13.92 18.31 -18.44
N THR A 443 -14.03 18.49 -17.13
CA THR A 443 -12.99 18.06 -16.21
C THR A 443 -13.48 16.86 -15.42
N LEU A 444 -12.78 15.75 -15.59
CA LEU A 444 -13.13 14.54 -14.87
C LEU A 444 -12.20 14.46 -13.65
N ASP A 445 -12.76 14.00 -12.54
CA ASP A 445 -11.98 13.82 -11.34
C ASP A 445 -11.54 12.35 -11.40
N TYR A 446 -10.78 12.04 -12.45
CA TYR A 446 -10.31 10.71 -12.70
C TYR A 446 -8.95 10.86 -13.35
N PRO A 447 -8.00 9.98 -13.00
CA PRO A 447 -6.68 10.10 -13.61
C PRO A 447 -6.66 9.87 -15.12
N GLN A 448 -5.52 10.20 -15.72
CA GLN A 448 -5.34 10.01 -17.14
C GLN A 448 -4.44 8.80 -17.20
N PRO A 449 -4.50 8.05 -18.31
CA PRO A 449 -3.70 6.84 -18.51
C PRO A 449 -2.28 7.10 -18.06
N ILE A 450 -1.77 6.28 -17.14
CA ILE A 450 -0.41 6.48 -16.67
C ILE A 450 0.62 5.95 -17.67
N VAL A 451 0.12 5.20 -18.65
CA VAL A 451 0.96 4.61 -19.71
C VAL A 451 0.04 4.49 -20.94
N GLU A 452 0.64 4.59 -22.14
CA GLU A 452 -0.08 4.44 -23.39
C GLU A 452 0.07 2.95 -23.72
N HIS A 453 -1.04 2.24 -23.86
CA HIS A 453 -0.97 0.81 -24.11
C HIS A 453 -0.17 0.39 -25.35
N LYS A 454 -0.33 1.12 -26.44
CA LYS A 454 0.37 0.79 -27.67
C LYS A 454 1.86 0.77 -27.50
N GLU A 455 2.42 1.80 -26.87
CA GLU A 455 3.87 1.87 -26.65
C GLU A 455 4.31 0.93 -25.55
N ALA A 456 3.52 0.84 -24.47
CA ALA A 456 3.81 -0.07 -23.36
C ALA A 456 4.00 -1.47 -23.93
N ARG A 457 2.99 -1.92 -24.64
CA ARG A 457 3.00 -3.23 -25.27
C ARG A 457 4.29 -3.53 -26.07
N VAL A 458 4.74 -2.55 -26.84
CA VAL A 458 5.94 -2.67 -27.68
C VAL A 458 7.19 -2.89 -26.85
N GLN A 459 7.31 -2.08 -25.82
CA GLN A 459 8.41 -2.14 -24.89
C GLN A 459 8.43 -3.52 -24.23
N THR A 460 7.27 -3.98 -23.75
CA THR A 460 7.22 -5.29 -23.10
C THR A 460 7.64 -6.42 -24.01
N LEU A 461 7.10 -6.45 -25.22
CA LEU A 461 7.47 -7.50 -26.17
C LEU A 461 9.00 -7.56 -26.33
N ALA A 462 9.63 -6.38 -26.40
CA ALA A 462 11.09 -6.29 -26.54
C ALA A 462 11.79 -6.91 -25.34
N ALA A 463 11.30 -6.63 -24.13
CA ALA A 463 11.89 -7.15 -22.91
C ALA A 463 11.86 -8.66 -22.83
N TYR A 464 10.73 -9.25 -23.16
CA TYR A 464 10.60 -10.72 -23.14
C TYR A 464 11.49 -11.32 -24.19
N GLU A 465 11.37 -10.76 -25.39
CA GLU A 465 12.15 -11.15 -26.55
C GLU A 465 13.63 -11.23 -26.19
N ALA A 466 14.13 -10.19 -25.53
CA ALA A 466 15.53 -10.12 -25.12
C ALA A 466 15.93 -11.17 -24.09
N ALA A 467 14.99 -11.51 -23.21
CA ALA A 467 15.24 -12.48 -22.15
C ALA A 467 15.23 -13.89 -22.73
N ARG A 468 14.34 -14.09 -23.71
CA ARG A 468 14.14 -15.38 -24.38
C ARG A 468 15.22 -15.67 -25.40
N LYS A 469 16.25 -14.82 -25.41
CA LYS A 469 17.38 -14.89 -26.32
C LYS A 469 18.51 -15.78 -25.78
N THR B 1 24.66 38.41 -24.93
CA THR B 1 24.41 37.95 -23.52
C THR B 1 23.08 37.23 -23.41
N THR B 2 23.13 35.93 -23.18
CA THR B 2 21.92 35.13 -23.02
C THR B 2 21.92 34.49 -21.64
N HIS B 3 20.88 34.81 -20.90
CA HIS B 3 20.68 34.33 -19.54
C HIS B 3 19.67 33.22 -19.46
N LEU B 4 20.10 32.06 -18.98
CA LEU B 4 19.18 30.92 -18.82
C LEU B 4 18.81 30.75 -17.34
N VAL B 5 17.51 30.71 -17.06
CA VAL B 5 16.98 30.50 -15.72
C VAL B 5 16.46 29.04 -15.65
N TRP B 6 17.15 28.22 -14.86
CA TRP B 6 16.79 26.83 -14.70
C TRP B 6 15.88 26.63 -13.47
N PHE B 7 14.59 26.50 -13.71
CA PHE B 7 13.60 26.28 -12.67
C PHE B 7 13.59 24.82 -12.18
N ARG B 8 13.13 24.61 -10.96
CA ARG B 8 12.99 23.28 -10.36
C ARG B 8 11.88 23.40 -9.34
N GLN B 9 12.23 23.45 -8.05
CA GLN B 9 11.23 23.57 -6.98
C GLN B 9 11.08 25.04 -6.61
N ASP B 10 10.72 25.85 -7.60
CA ASP B 10 10.59 27.29 -7.41
C ASP B 10 9.72 27.86 -8.51
N LEU B 11 8.63 27.18 -8.81
CA LEU B 11 7.74 27.62 -9.86
C LEU B 11 6.88 28.81 -9.48
N ARG B 12 7.54 29.96 -9.39
CA ARG B 12 6.90 31.24 -9.07
C ARG B 12 7.75 32.39 -9.67
N LEU B 13 7.08 33.52 -9.95
CA LEU B 13 7.73 34.72 -10.48
C LEU B 13 8.19 35.60 -9.32
N HIS B 14 7.36 35.65 -8.29
CA HIS B 14 7.57 36.46 -7.09
C HIS B 14 8.64 36.03 -6.14
N ASP B 15 9.48 36.98 -5.76
CA ASP B 15 10.53 36.70 -4.80
C ASP B 15 11.27 35.42 -5.11
N ASN B 16 11.80 35.37 -6.32
CA ASN B 16 12.56 34.23 -6.81
C ASN B 16 13.93 34.81 -7.07
N LEU B 17 14.90 34.42 -6.26
CA LEU B 17 16.25 34.92 -6.41
C LEU B 17 16.96 34.73 -7.77
N ALA B 18 17.06 33.50 -8.28
CA ALA B 18 17.71 33.27 -9.56
C ALA B 18 16.99 33.97 -10.70
N LEU B 19 15.67 34.06 -10.64
CA LEU B 19 14.88 34.70 -11.69
C LEU B 19 15.11 36.20 -11.71
N ALA B 20 14.96 36.84 -10.55
CA ALA B 20 15.18 38.27 -10.41
C ALA B 20 16.59 38.67 -10.83
N ALA B 21 17.57 37.85 -10.44
CA ALA B 21 18.97 38.07 -10.80
C ALA B 21 19.26 37.98 -12.32
N ALA B 22 18.51 37.13 -13.05
CA ALA B 22 18.71 36.96 -14.49
C ALA B 22 18.17 38.14 -15.25
N CYS B 23 17.07 38.69 -14.76
CA CYS B 23 16.42 39.81 -15.38
C CYS B 23 16.93 41.24 -15.01
N ARG B 24 17.96 41.35 -14.18
CA ARG B 24 18.46 42.67 -13.81
C ARG B 24 19.05 43.37 -15.04
N ASN B 25 19.78 42.61 -15.85
CA ASN B 25 20.39 43.10 -17.06
C ASN B 25 19.32 43.17 -18.13
N SER B 26 18.60 44.28 -18.20
CA SER B 26 17.53 44.46 -19.18
C SER B 26 17.97 44.35 -20.65
N SER B 27 19.26 44.26 -20.92
CA SER B 27 19.68 44.13 -22.31
C SER B 27 20.06 42.69 -22.66
N ALA B 28 19.94 41.78 -21.69
CA ALA B 28 20.28 40.35 -21.88
C ALA B 28 19.08 39.56 -22.36
N ARG B 29 19.31 38.53 -23.18
CA ARG B 29 18.20 37.68 -23.66
C ARG B 29 17.95 36.67 -22.54
N VAL B 30 16.72 36.60 -22.07
CA VAL B 30 16.34 35.70 -20.97
C VAL B 30 15.50 34.49 -21.42
N LEU B 31 15.97 33.31 -21.05
CA LEU B 31 15.33 32.06 -21.38
C LEU B 31 15.15 31.28 -20.10
N ALA B 32 14.08 30.49 -19.99
CA ALA B 32 13.81 29.68 -18.81
C ALA B 32 13.74 28.21 -19.24
N LEU B 33 14.28 27.31 -18.41
CA LEU B 33 14.29 25.88 -18.69
C LEU B 33 13.68 25.09 -17.54
N TYR B 34 12.92 24.05 -17.88
CA TYR B 34 12.32 23.17 -16.88
C TYR B 34 12.43 21.72 -17.39
N ILE B 35 13.15 20.88 -16.65
CA ILE B 35 13.35 19.49 -17.03
C ILE B 35 12.53 18.55 -16.14
N ALA B 36 11.60 17.79 -16.73
CA ALA B 36 10.80 16.83 -15.96
C ALA B 36 11.60 15.53 -15.90
N THR B 37 11.72 14.94 -14.71
CA THR B 37 12.47 13.68 -14.54
C THR B 37 11.54 12.67 -13.84
N PRO B 38 10.50 12.19 -14.54
CA PRO B 38 9.51 11.23 -14.02
C PRO B 38 10.06 9.99 -13.31
N ARG B 39 11.23 9.55 -13.74
CA ARG B 39 11.84 8.38 -13.20
C ARG B 39 12.64 8.63 -11.91
N GLN B 40 13.18 9.83 -11.73
CA GLN B 40 13.92 10.15 -10.52
C GLN B 40 12.85 10.45 -9.47
N TRP B 41 11.75 11.02 -9.93
CA TRP B 41 10.65 11.31 -9.06
C TRP B 41 10.07 10.04 -8.46
N ALA B 42 9.90 9.01 -9.28
CA ALA B 42 9.38 7.73 -8.80
C ALA B 42 10.34 7.15 -7.77
N THR B 43 11.64 7.25 -8.04
CA THR B 43 12.67 6.75 -7.13
C THR B 43 12.63 7.51 -5.79
N HIS B 44 12.32 8.79 -5.85
CA HIS B 44 12.25 9.62 -4.66
C HIS B 44 10.87 9.53 -4.00
N ASN B 45 10.05 8.61 -4.47
CA ASN B 45 8.70 8.39 -3.94
C ASN B 45 7.79 9.61 -4.01
N MET B 46 7.93 10.41 -5.06
CA MET B 46 7.07 11.59 -5.19
C MET B 46 5.60 11.21 -5.25
N SER B 47 4.81 11.92 -4.46
CA SER B 47 3.38 11.74 -4.35
C SER B 47 2.64 12.15 -5.61
N PRO B 48 1.62 11.39 -6.01
CA PRO B 48 0.88 11.75 -7.21
C PRO B 48 0.18 13.11 -7.08
N ARG B 49 -0.29 13.45 -5.89
CA ARG B 49 -0.97 14.72 -5.68
C ARG B 49 0.00 15.90 -5.80
N GLN B 50 1.26 15.68 -5.42
CA GLN B 50 2.27 16.73 -5.52
C GLN B 50 2.65 16.88 -6.97
N ALA B 51 2.83 15.74 -7.65
CA ALA B 51 3.16 15.74 -9.08
C ALA B 51 2.08 16.55 -9.80
N GLU B 52 0.85 16.43 -9.35
CA GLU B 52 -0.24 17.19 -9.92
C GLU B 52 -0.11 18.68 -9.59
N LEU B 53 0.27 19.00 -8.36
CA LEU B 53 0.44 20.38 -7.91
C LEU B 53 1.51 21.04 -8.79
N ILE B 54 2.63 20.36 -8.95
CA ILE B 54 3.74 20.84 -9.76
C ILE B 54 3.33 21.10 -11.22
N ASN B 55 2.61 20.14 -11.81
CA ASN B 55 2.13 20.24 -13.19
C ASN B 55 1.25 21.50 -13.30
N ALA B 56 0.42 21.75 -12.30
CA ALA B 56 -0.50 22.91 -12.34
C ALA B 56 0.22 24.26 -12.18
N GLN B 57 1.25 24.28 -11.36
CA GLN B 57 2.01 25.49 -11.15
C GLN B 57 2.85 25.71 -12.42
N LEU B 58 3.36 24.62 -13.00
CA LEU B 58 4.17 24.66 -14.22
C LEU B 58 3.44 25.30 -15.40
N ASN B 59 2.18 24.94 -15.61
CA ASN B 59 1.42 25.54 -16.70
C ASN B 59 1.11 27.00 -16.41
N GLY B 60 0.80 27.30 -15.13
CA GLY B 60 0.50 28.66 -14.70
C GLY B 60 1.70 29.60 -14.76
N LEU B 61 2.89 29.04 -14.56
CA LEU B 61 4.16 29.77 -14.64
C LEU B 61 4.45 30.08 -16.12
N GLN B 62 4.27 29.08 -16.99
CA GLN B 62 4.48 29.21 -18.44
C GLN B 62 3.66 30.41 -19.00
N ILE B 63 2.44 30.54 -18.54
CA ILE B 63 1.58 31.64 -18.95
C ILE B 63 2.16 32.95 -18.42
N ALA B 64 2.49 32.96 -17.12
CA ALA B 64 3.03 34.16 -16.50
C ALA B 64 4.36 34.59 -17.09
N LEU B 65 5.22 33.65 -17.41
CA LEU B 65 6.51 33.97 -17.99
C LEU B 65 6.32 34.59 -19.39
N ALA B 66 5.34 34.09 -20.14
CA ALA B 66 5.02 34.58 -21.49
C ALA B 66 4.66 36.05 -21.48
N GLU B 67 3.85 36.48 -20.53
CA GLU B 67 3.47 37.89 -20.42
C GLU B 67 4.70 38.78 -20.13
N LYS B 68 5.69 38.24 -19.43
CA LYS B 68 6.92 38.97 -19.13
C LYS B 68 7.86 38.92 -20.33
N GLY B 69 7.46 38.20 -21.37
CA GLY B 69 8.28 38.10 -22.55
C GLY B 69 9.36 37.06 -22.44
N ILE B 70 9.23 36.18 -21.46
CA ILE B 70 10.22 35.11 -21.24
C ILE B 70 9.63 33.75 -21.69
N PRO B 71 10.37 33.01 -22.53
CA PRO B 71 9.91 31.71 -22.99
C PRO B 71 10.45 30.54 -22.15
N LEU B 72 9.62 29.53 -21.94
CA LEU B 72 10.02 28.34 -21.19
C LEU B 72 10.32 27.17 -22.14
N LEU B 73 11.51 26.61 -22.04
CA LEU B 73 11.90 25.46 -22.83
C LEU B 73 11.65 24.23 -21.93
N PHE B 74 10.64 23.42 -22.26
CA PHE B 74 10.34 22.21 -21.50
C PHE B 74 10.99 20.96 -22.06
N ARG B 75 11.55 20.17 -21.16
CA ARG B 75 12.22 18.95 -21.54
C ARG B 75 11.82 17.90 -20.55
N GLU B 76 11.84 16.64 -20.98
CA GLU B 76 11.49 15.52 -20.13
C GLU B 76 12.48 14.41 -20.37
N VAL B 77 13.27 14.10 -19.36
CA VAL B 77 14.24 13.03 -19.44
C VAL B 77 13.86 12.08 -18.33
N ASP B 78 14.68 11.08 -18.12
CA ASP B 78 14.42 10.09 -17.11
C ASP B 78 14.85 10.49 -15.74
N ASP B 79 16.12 10.81 -15.61
CA ASP B 79 16.69 11.12 -14.32
C ASP B 79 17.62 12.36 -14.26
N PHE B 80 18.31 12.52 -13.13
CA PHE B 80 19.21 13.65 -12.92
C PHE B 80 20.50 13.52 -13.73
N VAL B 81 20.93 12.31 -14.01
CA VAL B 81 22.14 12.13 -14.81
C VAL B 81 21.92 12.62 -16.24
N ALA B 82 20.71 12.42 -16.75
CA ALA B 82 20.35 12.81 -18.11
C ALA B 82 20.24 14.33 -18.23
N SER B 83 19.67 14.96 -17.20
CA SER B 83 19.47 16.41 -17.12
C SER B 83 20.77 17.16 -17.34
N VAL B 84 21.87 16.61 -16.85
CA VAL B 84 23.16 17.27 -16.99
C VAL B 84 23.39 17.51 -18.47
N GLU B 85 23.13 16.47 -19.26
CA GLU B 85 23.29 16.52 -20.72
C GLU B 85 22.31 17.52 -21.37
N ILE B 86 21.07 17.58 -20.89
CA ILE B 86 20.08 18.51 -21.43
C ILE B 86 20.45 19.96 -21.14
N VAL B 87 20.99 20.24 -19.94
CA VAL B 87 21.37 21.60 -19.63
C VAL B 87 22.51 21.99 -20.58
N LYS B 88 23.44 21.06 -20.82
CA LYS B 88 24.54 21.30 -21.73
C LYS B 88 24.01 21.60 -23.13
N GLN B 89 23.12 20.74 -23.62
CA GLN B 89 22.55 20.94 -24.94
C GLN B 89 21.86 22.27 -25.08
N VAL B 90 20.98 22.61 -24.13
CA VAL B 90 20.24 23.87 -24.19
C VAL B 90 21.16 25.07 -24.12
N CYS B 91 22.22 24.98 -23.31
CA CYS B 91 23.15 26.09 -23.22
C CYS B 91 23.79 26.27 -24.59
N ALA B 92 24.35 25.19 -25.13
CA ALA B 92 24.97 25.14 -26.47
C ALA B 92 24.05 25.66 -27.59
N GLU B 93 22.89 25.03 -27.76
CA GLU B 93 21.94 25.43 -28.78
C GLU B 93 21.60 26.92 -28.74
N ASN B 94 21.32 27.47 -27.56
CA ASN B 94 20.93 28.89 -27.46
C ASN B 94 22.05 29.88 -27.18
N SER B 95 23.29 29.41 -27.16
CA SER B 95 24.46 30.27 -26.91
C SER B 95 24.40 31.00 -25.56
N VAL B 96 23.91 30.29 -24.54
CA VAL B 96 23.75 30.84 -23.18
C VAL B 96 25.10 31.23 -22.61
N THR B 97 25.18 32.45 -22.08
CA THR B 97 26.43 32.94 -21.48
C THR B 97 26.40 32.82 -19.95
N HIS B 98 25.18 32.88 -19.41
CA HIS B 98 25.00 32.80 -17.96
C HIS B 98 23.81 31.95 -17.57
N LEU B 99 24.06 31.07 -16.59
CA LEU B 99 23.05 30.21 -16.02
C LEU B 99 22.77 30.63 -14.57
N PHE B 100 21.49 30.83 -14.27
CA PHE B 100 21.02 31.20 -12.95
C PHE B 100 20.07 30.14 -12.41
N TYR B 101 20.37 29.63 -11.22
CA TYR B 101 19.51 28.63 -10.62
C TYR B 101 19.53 28.71 -9.10
N ASN B 102 18.45 28.23 -8.47
CA ASN B 102 18.30 28.21 -7.01
C ASN B 102 18.69 26.87 -6.48
N TYR B 103 19.61 26.86 -5.53
CA TYR B 103 20.11 25.64 -4.91
C TYR B 103 19.09 24.66 -4.29
N GLN B 104 19.47 23.40 -4.29
CA GLN B 104 18.64 22.35 -3.72
C GLN B 104 19.62 21.63 -2.84
N TYR B 105 19.18 21.32 -1.63
CA TYR B 105 20.10 20.71 -0.65
C TYR B 105 20.18 19.21 -0.47
N GLU B 106 19.36 18.44 -1.19
CA GLU B 106 19.36 17.00 -1.06
C GLU B 106 20.55 16.46 -1.81
N VAL B 107 21.10 15.34 -1.33
CA VAL B 107 22.28 14.73 -1.91
C VAL B 107 22.21 14.55 -3.43
N ASN B 108 21.15 13.94 -3.95
CA ASN B 108 21.06 13.72 -5.40
C ASN B 108 20.98 15.02 -6.20
N GLU B 109 20.24 16.00 -5.70
CA GLU B 109 20.10 17.28 -6.39
C GLU B 109 21.43 18.01 -6.37
N ARG B 110 22.17 17.93 -5.28
CA ARG B 110 23.44 18.62 -5.22
C ARG B 110 24.45 18.01 -6.18
N ALA B 111 24.51 16.69 -6.21
CA ALA B 111 25.44 16.02 -7.11
C ALA B 111 25.19 16.40 -8.56
N ARG B 112 23.92 16.52 -8.93
CA ARG B 112 23.54 16.90 -10.29
C ARG B 112 24.09 18.30 -10.56
N ASP B 113 23.78 19.24 -9.67
CA ASP B 113 24.20 20.63 -9.79
C ASP B 113 25.69 20.81 -9.88
N VAL B 114 26.43 20.00 -9.14
CA VAL B 114 27.88 20.06 -9.17
C VAL B 114 28.40 19.58 -10.52
N GLU B 115 27.69 18.64 -11.13
CA GLU B 115 28.06 18.14 -12.45
C GLU B 115 27.71 19.16 -13.52
N VAL B 116 26.57 19.80 -13.39
CA VAL B 116 26.18 20.81 -14.36
C VAL B 116 27.24 21.93 -14.39
N GLU B 117 27.64 22.38 -13.20
CA GLU B 117 28.64 23.44 -13.08
C GLU B 117 29.99 23.06 -13.67
N ARG B 118 30.39 21.81 -13.49
CA ARG B 118 31.65 21.32 -14.03
C ARG B 118 31.59 21.14 -15.53
N ALA B 119 30.42 20.74 -16.02
CA ALA B 119 30.19 20.51 -17.43
C ALA B 119 30.18 21.84 -18.17
N LEU B 120 29.48 22.84 -17.64
CA LEU B 120 29.43 24.15 -18.29
C LEU B 120 30.73 24.93 -18.09
N ARG B 121 31.77 24.50 -18.81
CA ARG B 121 33.10 25.12 -18.70
C ARG B 121 33.18 26.53 -19.21
N ASN B 122 32.36 26.87 -20.21
CA ASN B 122 32.40 28.22 -20.74
C ASN B 122 31.21 29.07 -20.43
N VAL B 123 30.49 28.71 -19.38
CA VAL B 123 29.30 29.43 -18.91
C VAL B 123 29.52 29.90 -17.47
N VAL B 124 28.88 31.02 -17.13
CA VAL B 124 28.96 31.58 -15.79
C VAL B 124 27.69 31.13 -15.06
N CYS B 125 27.86 30.32 -14.02
CA CYS B 125 26.73 29.81 -13.27
C CYS B 125 26.58 30.50 -11.92
N GLU B 126 25.36 30.89 -11.58
CA GLU B 126 25.11 31.54 -10.31
C GLU B 126 23.96 30.86 -9.63
N GLY B 127 24.25 30.13 -8.56
CA GLY B 127 23.23 29.47 -7.77
C GLY B 127 22.85 30.41 -6.64
N PHE B 128 21.64 30.27 -6.13
CA PHE B 128 21.14 31.14 -5.05
C PHE B 128 20.45 30.32 -3.94
N ASP B 129 20.57 30.76 -2.69
CA ASP B 129 19.92 30.05 -1.59
C ASP B 129 18.54 30.65 -1.49
N ASP B 130 17.64 30.20 -2.36
CA ASP B 130 16.29 30.74 -2.41
C ASP B 130 15.28 30.03 -1.52
N SER B 131 15.50 28.74 -1.27
CA SER B 131 14.58 27.96 -0.46
C SER B 131 14.65 28.17 1.07
N VAL B 132 15.65 28.92 1.55
CA VAL B 132 15.80 29.18 3.00
C VAL B 132 15.79 30.70 3.23
N ILE B 133 15.48 31.16 4.44
CA ILE B 133 15.50 32.60 4.74
C ILE B 133 16.97 32.98 4.95
N LEU B 134 17.71 32.14 5.67
CA LEU B 134 19.12 32.36 5.87
C LEU B 134 19.78 31.12 5.24
N PRO B 135 20.90 31.28 4.54
CA PRO B 135 21.59 30.16 3.90
C PRO B 135 22.39 29.26 4.83
N PRO B 136 22.49 27.97 4.48
CA PRO B 136 23.26 27.04 5.31
C PRO B 136 24.66 27.59 5.46
N GLY B 137 25.17 27.60 6.69
CA GLY B 137 26.50 28.11 6.93
C GLY B 137 26.45 29.53 7.44
N ALA B 138 25.25 30.12 7.48
CA ALA B 138 25.03 31.46 8.00
C ALA B 138 24.91 31.39 9.51
N VAL B 139 24.36 30.28 10.00
CA VAL B 139 24.15 30.05 11.43
C VAL B 139 25.00 28.87 11.86
N MET B 140 26.24 29.17 12.25
CA MET B 140 27.21 28.18 12.67
C MET B 140 27.58 28.34 14.13
N THR B 141 28.10 27.26 14.69
CA THR B 141 28.55 27.17 16.06
C THR B 141 29.95 27.77 16.15
N GLY B 142 30.41 28.06 17.35
CA GLY B 142 31.72 28.64 17.56
C GLY B 142 32.91 27.97 16.87
N ASN B 143 32.88 26.64 16.81
CA ASN B 143 33.93 25.88 16.15
C ASN B 143 33.65 25.76 14.64
N HIS B 144 32.67 26.53 14.19
CA HIS B 144 32.24 26.61 12.79
C HIS B 144 31.61 25.35 12.27
N GLU B 145 30.81 24.71 13.13
CA GLU B 145 30.09 23.51 12.79
C GLU B 145 28.62 23.89 12.78
N MET B 146 27.78 22.96 12.32
CA MET B 146 26.36 23.18 12.29
C MET B 146 25.81 22.86 13.70
N TYR B 147 24.74 23.54 14.11
CA TYR B 147 24.12 23.27 15.41
C TYR B 147 23.42 21.91 15.47
N LYS B 148 23.42 21.31 16.65
CA LYS B 148 22.78 20.01 16.84
C LYS B 148 21.54 20.10 17.70
N VAL B 149 21.35 21.22 18.36
CA VAL B 149 20.19 21.39 19.21
C VAL B 149 19.51 22.62 18.66
N PHE B 150 18.20 22.54 18.59
CA PHE B 150 17.42 23.62 18.04
C PHE B 150 17.50 24.90 18.81
N THR B 151 17.26 24.83 20.10
CA THR B 151 17.28 26.00 20.96
C THR B 151 18.43 26.99 20.71
N PRO B 152 19.69 26.51 20.69
CA PRO B 152 20.80 27.42 20.42
C PRO B 152 20.79 27.84 18.95
N PHE B 153 20.40 26.93 18.06
CA PHE B 153 20.32 27.27 16.64
C PHE B 153 19.36 28.45 16.45
N LYS B 154 18.18 28.31 16.98
CA LYS B 154 17.17 29.34 16.89
C LYS B 154 17.67 30.70 17.39
N ASN B 155 18.37 30.67 18.52
CA ASN B 155 18.89 31.87 19.14
C ASN B 155 19.85 32.58 18.19
N ALA B 156 20.77 31.80 17.64
CA ALA B 156 21.78 32.28 16.72
C ALA B 156 21.15 32.71 15.39
N TRP B 157 20.10 32.01 14.99
CA TRP B 157 19.40 32.30 13.75
C TRP B 157 18.78 33.70 13.84
N LEU B 158 18.00 33.95 14.89
CA LEU B 158 17.35 35.25 15.16
C LEU B 158 18.35 36.40 15.30
N LYS B 159 19.52 36.06 15.79
CA LYS B 159 20.56 37.03 15.95
C LYS B 159 21.05 37.46 14.55
N ARG B 160 21.43 36.49 13.71
CA ARG B 160 21.91 36.79 12.38
C ARG B 160 20.77 37.40 11.56
N LEU B 161 19.54 36.98 11.80
CA LEU B 161 18.44 37.57 11.06
C LEU B 161 18.47 39.06 11.33
N ARG B 162 18.62 39.43 12.61
CA ARG B 162 18.63 40.84 12.96
C ARG B 162 19.74 41.73 12.43
N GLU B 163 20.86 41.13 12.10
CA GLU B 163 22.02 41.83 11.57
C GLU B 163 21.86 42.14 10.09
N GLY B 164 20.83 41.58 9.47
CA GLY B 164 20.62 41.80 8.05
C GLY B 164 19.51 40.91 7.52
N MET B 165 18.28 41.40 7.63
CA MET B 165 17.13 40.64 7.18
C MET B 165 17.02 40.61 5.64
N PRO B 166 17.05 39.40 5.06
CA PRO B 166 16.93 39.32 3.61
C PRO B 166 15.58 39.87 3.20
N GLU B 167 15.54 40.52 2.06
CA GLU B 167 14.28 41.10 1.61
C GLU B 167 13.67 40.35 0.45
N CYS B 168 12.38 40.62 0.22
CA CYS B 168 11.65 40.01 -0.88
C CYS B 168 12.00 40.72 -2.18
N VAL B 169 12.47 39.96 -3.18
CA VAL B 169 12.76 40.54 -4.49
C VAL B 169 11.46 40.50 -5.28
N ALA B 170 11.25 41.47 -6.14
CA ALA B 170 10.03 41.53 -6.93
C ALA B 170 10.02 40.65 -8.19
N ALA B 171 8.83 40.47 -8.75
CA ALA B 171 8.69 39.68 -9.96
C ALA B 171 9.38 40.51 -11.02
N PRO B 172 10.07 39.87 -11.97
CA PRO B 172 10.71 40.71 -12.98
C PRO B 172 9.64 41.48 -13.78
N LYS B 173 10.03 42.60 -14.37
CA LYS B 173 9.11 43.37 -15.20
C LYS B 173 9.21 42.83 -16.63
N VAL B 174 8.25 43.18 -17.49
CA VAL B 174 8.29 42.74 -18.90
C VAL B 174 9.62 43.03 -19.62
N ARG B 175 10.12 42.06 -20.38
CA ARG B 175 11.37 42.23 -21.11
C ARG B 175 11.22 43.30 -22.21
N SER B 176 12.35 43.85 -22.68
CA SER B 176 12.33 44.89 -23.73
C SER B 176 11.60 44.37 -24.97
N SER B 177 11.86 43.12 -25.34
CA SER B 177 11.19 42.46 -26.48
C SER B 177 9.64 42.34 -26.38
N GLY B 178 9.06 42.69 -25.24
CA GLY B 178 7.62 42.61 -25.07
C GLY B 178 7.13 41.22 -24.75
N SER B 179 5.83 41.13 -24.48
CA SER B 179 5.17 39.86 -24.17
C SER B 179 5.23 38.94 -25.36
N ILE B 180 5.07 37.66 -25.09
CA ILE B 180 5.09 36.66 -26.14
C ILE B 180 3.89 35.74 -25.96
N GLU B 181 3.75 34.81 -26.90
CA GLU B 181 2.66 33.84 -26.87
C GLU B 181 3.10 32.59 -26.14
N PRO B 182 2.32 32.19 -25.14
CA PRO B 182 2.66 30.98 -24.39
C PRO B 182 2.60 29.73 -25.26
N SER B 183 3.55 28.83 -25.03
CA SER B 183 3.60 27.57 -25.74
C SER B 183 2.38 26.77 -25.24
N PRO B 184 2.07 25.62 -25.89
CA PRO B 184 0.91 24.88 -25.37
C PRO B 184 1.17 24.15 -24.02
N SER B 185 0.13 24.11 -23.20
CA SER B 185 0.15 23.47 -21.90
C SER B 185 0.96 22.18 -21.82
N ILE B 186 1.71 22.03 -20.74
CA ILE B 186 2.55 20.86 -20.53
C ILE B 186 1.79 19.82 -19.71
N THR B 187 2.10 18.55 -19.94
CA THR B 187 1.49 17.45 -19.22
C THR B 187 2.66 16.60 -18.73
N LEU B 188 2.76 16.42 -17.41
CA LEU B 188 3.85 15.65 -16.83
C LEU B 188 3.49 14.20 -16.95
N ASN B 189 4.43 13.42 -17.44
CA ASN B 189 4.18 11.99 -17.58
C ASN B 189 4.56 11.30 -16.27
N TYR B 190 3.68 11.39 -15.27
CA TYR B 190 3.96 10.78 -13.98
C TYR B 190 2.57 10.59 -13.42
N PRO B 191 2.33 9.49 -12.70
CA PRO B 191 0.98 9.33 -12.18
C PRO B 191 0.60 10.52 -11.32
N ARG B 192 -0.59 11.05 -11.56
CA ARG B 192 -1.08 12.19 -10.84
C ARG B 192 -2.51 11.97 -10.35
N GLN B 193 -2.86 12.64 -9.24
CA GLN B 193 -4.19 12.57 -8.65
C GLN B 193 -4.53 13.97 -8.19
N SER B 194 -5.82 14.25 -8.11
CA SER B 194 -6.33 15.55 -7.70
C SER B 194 -6.29 15.81 -6.19
N PHE B 195 -6.58 17.05 -5.80
CA PHE B 195 -6.57 17.49 -4.40
C PHE B 195 -7.47 18.72 -4.26
N ASP B 196 -7.75 19.13 -3.03
CA ASP B 196 -8.61 20.28 -2.80
C ASP B 196 -7.78 21.52 -3.13
N THR B 197 -8.16 22.25 -4.18
CA THR B 197 -7.43 23.46 -4.55
C THR B 197 -7.76 24.60 -3.59
N ALA B 198 -8.79 24.41 -2.79
CA ALA B 198 -9.19 25.39 -1.78
C ALA B 198 -8.15 25.43 -0.65
N HIS B 199 -7.74 24.27 -0.17
CA HIS B 199 -6.77 24.16 0.90
C HIS B 199 -5.36 24.35 0.35
N PHE B 200 -5.14 23.80 -0.83
CA PHE B 200 -3.84 23.86 -1.45
C PHE B 200 -3.96 24.56 -2.78
N PRO B 201 -3.83 25.91 -2.77
CA PRO B 201 -3.93 26.73 -3.97
C PRO B 201 -2.83 26.45 -5.02
N VAL B 202 -3.27 26.31 -6.27
CA VAL B 202 -2.33 26.08 -7.36
C VAL B 202 -1.80 27.40 -7.97
N GLU B 203 -2.60 28.46 -7.92
CA GLU B 203 -2.22 29.75 -8.48
C GLU B 203 -1.38 30.56 -7.53
N GLU B 204 -0.41 31.28 -8.08
CA GLU B 204 0.48 32.12 -7.31
C GLU B 204 -0.29 33.18 -6.50
N LYS B 205 -1.23 33.88 -7.14
CA LYS B 205 -1.99 34.89 -6.41
C LYS B 205 -2.82 34.29 -5.27
N ALA B 206 -3.31 33.07 -5.47
CA ALA B 206 -4.10 32.37 -4.47
C ALA B 206 -3.20 31.94 -3.31
N ALA B 207 -1.96 31.55 -3.59
CA ALA B 207 -1.02 31.16 -2.55
C ALA B 207 -0.74 32.36 -1.67
N ILE B 208 -0.47 33.49 -2.32
CA ILE B 208 -0.18 34.76 -1.64
C ILE B 208 -1.35 35.23 -0.79
N ALA B 209 -2.56 35.10 -1.33
CA ALA B 209 -3.77 35.51 -0.63
C ALA B 209 -3.98 34.67 0.62
N GLN B 210 -3.58 33.40 0.55
CA GLN B 210 -3.72 32.48 1.67
C GLN B 210 -2.72 32.82 2.78
N LEU B 211 -1.53 33.25 2.39
CA LEU B 211 -0.49 33.66 3.35
C LEU B 211 -0.93 34.96 4.03
N ARG B 212 -1.53 35.86 3.24
CA ARG B 212 -2.02 37.14 3.70
C ARG B 212 -3.05 36.91 4.80
N GLN B 213 -4.13 36.23 4.41
CA GLN B 213 -5.22 35.91 5.29
C GLN B 213 -4.79 35.20 6.57
N PHE B 214 -3.90 34.22 6.45
CA PHE B 214 -3.47 33.51 7.64
C PHE B 214 -2.76 34.47 8.59
N CYS B 215 -1.79 35.21 8.07
CA CYS B 215 -1.05 36.15 8.90
C CYS B 215 -1.95 37.18 9.58
N GLN B 216 -3.03 37.57 8.93
CA GLN B 216 -3.94 38.55 9.51
C GLN B 216 -4.74 37.97 10.65
N ASN B 217 -5.33 36.81 10.42
CA ASN B 217 -6.15 36.16 11.42
C ASN B 217 -5.41 35.05 12.16
N GLY B 218 -5.27 33.92 11.50
CA GLY B 218 -4.64 32.77 12.08
C GLY B 218 -3.34 32.85 12.85
N ALA B 219 -2.38 33.67 12.43
CA ALA B 219 -1.12 33.71 13.14
C ALA B 219 -1.20 34.23 14.57
N GLY B 220 -2.25 34.99 14.89
CA GLY B 220 -2.41 35.50 16.24
C GLY B 220 -2.94 34.44 17.21
N GLU B 221 -3.87 33.61 16.73
CA GLU B 221 -4.51 32.54 17.50
C GLU B 221 -3.72 31.24 17.45
N TYR B 222 -2.73 31.20 16.59
CA TYR B 222 -1.95 30.01 16.37
C TYR B 222 -1.62 29.12 17.55
N GLU B 223 -0.91 29.65 18.53
CA GLU B 223 -0.50 28.89 19.71
C GLU B 223 -1.66 28.17 20.39
N GLN B 224 -2.82 28.81 20.44
CA GLN B 224 -3.99 28.22 21.07
C GLN B 224 -4.78 27.25 20.19
N GLN B 225 -4.60 27.32 18.86
CA GLN B 225 -5.35 26.45 17.98
C GLN B 225 -4.62 25.39 17.18
N ARG B 226 -3.31 25.53 17.09
CA ARG B 226 -2.52 24.62 16.30
C ARG B 226 -2.51 23.15 16.69
N ASP B 227 -3.03 22.80 17.87
CA ASP B 227 -2.99 21.41 18.33
C ASP B 227 -4.21 20.58 17.99
N PHE B 228 -5.30 21.24 17.65
CA PHE B 228 -6.56 20.58 17.35
C PHE B 228 -6.84 20.25 15.89
N PRO B 229 -6.72 18.97 15.54
CA PRO B 229 -6.96 18.57 14.16
C PRO B 229 -8.35 18.88 13.65
N ALA B 230 -9.32 18.93 14.55
CA ALA B 230 -10.69 19.22 14.14
C ALA B 230 -10.84 20.69 13.74
N VAL B 231 -9.84 21.48 14.10
CA VAL B 231 -9.80 22.92 13.85
C VAL B 231 -8.84 23.31 12.72
N GLU B 232 -9.24 24.33 11.98
CA GLU B 232 -8.41 24.86 10.91
C GLU B 232 -7.50 25.95 11.50
N GLY B 233 -6.50 25.51 12.27
CA GLY B 233 -5.62 26.47 12.91
C GLY B 233 -4.22 26.60 12.39
N THR B 234 -3.93 25.89 11.30
CA THR B 234 -2.62 25.96 10.68
C THR B 234 -2.80 26.63 9.30
N SER B 235 -1.69 26.96 8.64
CA SER B 235 -1.79 27.65 7.35
C SER B 235 -2.11 26.84 6.11
N ARG B 236 -1.65 25.59 6.06
CA ARG B 236 -1.82 24.72 4.90
C ARG B 236 -1.04 25.26 3.72
N LEU B 237 0.09 25.89 4.03
CA LEU B 237 0.98 26.48 3.04
C LEU B 237 2.17 25.58 2.80
N SER B 238 2.16 24.43 3.45
CA SER B 238 3.25 23.48 3.33
C SER B 238 3.46 22.94 1.91
N ALA B 239 2.39 22.79 1.14
CA ALA B 239 2.49 22.29 -0.25
C ALA B 239 3.19 23.33 -1.14
N SER B 240 2.76 24.59 -1.04
CA SER B 240 3.35 25.73 -1.76
C SER B 240 4.82 25.87 -1.36
N LEU B 241 5.12 25.81 -0.05
CA LEU B 241 6.49 25.91 0.43
C LEU B 241 7.38 24.78 -0.05
N ALA B 242 6.87 23.53 -0.06
CA ALA B 242 7.67 22.37 -0.50
C ALA B 242 7.97 22.33 -1.99
N THR B 243 7.05 22.85 -2.81
CA THR B 243 7.20 22.85 -4.27
C THR B 243 7.77 24.16 -4.83
N GLY B 244 7.83 25.18 -3.98
CA GLY B 244 8.36 26.47 -4.39
C GLY B 244 7.32 27.44 -4.92
N GLY B 245 6.05 27.19 -4.62
CA GLY B 245 4.98 28.07 -5.05
C GLY B 245 5.06 29.35 -4.26
N LEU B 246 5.74 29.29 -3.12
CA LEU B 246 5.93 30.44 -2.23
C LEU B 246 7.31 30.29 -1.66
N SER B 247 7.92 31.41 -1.27
CA SER B 247 9.26 31.37 -0.64
C SER B 247 9.07 31.67 0.85
N PRO B 248 10.02 31.26 1.69
CA PRO B 248 9.98 31.47 3.13
C PRO B 248 10.13 32.97 3.52
N ARG B 249 10.66 33.78 2.61
CA ARG B 249 10.81 35.22 2.87
C ARG B 249 9.48 35.92 2.70
N GLN B 250 8.62 35.37 1.85
CA GLN B 250 7.30 35.95 1.63
C GLN B 250 6.51 35.74 2.91
N CYS B 251 6.72 34.58 3.52
CA CYS B 251 6.05 34.19 4.76
C CYS B 251 6.57 35.08 5.91
N LEU B 252 7.89 35.22 6.03
CA LEU B 252 8.53 36.06 7.03
C LEU B 252 8.02 37.53 6.93
N HIS B 253 8.21 38.16 5.78
CA HIS B 253 7.79 39.56 5.64
C HIS B 253 6.32 39.79 5.79
N ARG B 254 5.50 38.87 5.30
CA ARG B 254 4.04 39.01 5.45
C ARG B 254 3.64 38.79 6.93
N LEU B 255 4.39 37.94 7.63
CA LEU B 255 4.12 37.71 9.04
C LEU B 255 4.42 38.98 9.85
N LEU B 256 5.64 39.52 9.73
CA LEU B 256 6.04 40.69 10.49
C LEU B 256 5.17 41.89 10.19
N ALA B 257 4.61 41.92 8.99
CA ALA B 257 3.74 43.01 8.60
C ALA B 257 2.46 43.01 9.39
N GLU B 258 1.99 41.84 9.78
CA GLU B 258 0.72 41.73 10.51
C GLU B 258 0.89 41.51 11.99
N GLN B 259 2.01 40.88 12.35
CA GLN B 259 2.36 40.57 13.73
C GLN B 259 3.77 41.11 13.89
N PRO B 260 3.88 42.42 14.08
CA PRO B 260 5.11 43.20 14.24
C PRO B 260 6.06 42.63 15.29
N GLN B 261 5.47 42.19 16.40
CA GLN B 261 6.27 41.67 17.50
C GLN B 261 6.67 40.24 17.41
N ALA B 262 6.32 39.59 16.31
CA ALA B 262 6.64 38.19 16.11
C ALA B 262 8.11 37.91 16.35
N LEU B 263 8.97 38.86 15.98
CA LEU B 263 10.40 38.67 16.18
C LEU B 263 10.87 38.76 17.63
N ASP B 264 10.05 39.39 18.47
CA ASP B 264 10.36 39.59 19.87
C ASP B 264 9.48 38.86 20.88
N GLY B 265 8.91 37.73 20.48
CA GLY B 265 8.09 36.97 21.39
C GLY B 265 6.61 37.31 21.40
N GLY B 266 6.18 38.30 20.63
CA GLY B 266 4.77 38.64 20.65
C GLY B 266 3.96 37.64 19.84
N ALA B 267 2.72 38.00 19.51
CA ALA B 267 1.85 37.13 18.69
C ALA B 267 2.57 36.87 17.36
N GLY B 268 2.34 35.68 16.80
CA GLY B 268 2.99 35.33 15.56
C GLY B 268 4.36 34.71 15.77
N SER B 269 4.87 34.76 16.99
CA SER B 269 6.19 34.18 17.24
C SER B 269 6.21 32.66 17.27
N VAL B 270 5.07 32.04 17.58
CA VAL B 270 4.98 30.57 17.65
C VAL B 270 4.95 30.01 16.25
N TRP B 271 4.30 30.70 15.32
CA TRP B 271 4.25 30.30 13.91
C TRP B 271 5.66 30.46 13.31
N LEU B 272 6.35 31.52 13.69
CA LEU B 272 7.72 31.78 13.23
C LEU B 272 8.65 30.66 13.68
N ASN B 273 8.45 30.20 14.91
CA ASN B 273 9.26 29.12 15.46
C ASN B 273 9.23 27.92 14.49
N GLU B 274 8.06 27.62 13.91
CA GLU B 274 7.89 26.51 12.96
C GLU B 274 8.68 26.71 11.64
N LEU B 275 8.79 27.97 11.22
CA LEU B 275 9.56 28.31 10.02
C LEU B 275 11.03 28.19 10.35
N ILE B 276 11.38 28.23 11.64
CA ILE B 276 12.77 28.09 12.03
C ILE B 276 13.09 26.61 12.13
N TRP B 277 12.08 25.77 12.35
CA TRP B 277 12.25 24.30 12.38
C TRP B 277 12.55 23.86 10.96
N ARG B 278 11.80 24.43 10.02
CA ARG B 278 11.99 24.18 8.59
C ARG B 278 13.43 24.53 8.20
N GLU B 279 13.90 25.68 8.67
CA GLU B 279 15.26 26.18 8.42
C GLU B 279 16.28 25.21 8.98
N PHE B 280 16.07 24.81 10.23
CA PHE B 280 16.96 23.90 10.94
C PHE B 280 17.21 22.63 10.14
N TYR B 281 16.12 21.94 9.81
CA TYR B 281 16.16 20.68 9.07
C TYR B 281 16.84 20.79 7.70
N ARG B 282 16.68 21.93 7.02
CA ARG B 282 17.35 22.12 5.72
C ARG B 282 18.85 22.36 5.87
N HIS B 283 19.26 23.09 6.90
CA HIS B 283 20.69 23.36 7.09
C HIS B 283 21.36 22.07 7.55
N LEU B 284 20.63 21.31 8.36
CA LEU B 284 21.11 20.05 8.91
C LEU B 284 21.47 19.02 7.83
N ILE B 285 20.58 18.78 6.86
CA ILE B 285 20.91 17.82 5.79
C ILE B 285 22.05 18.34 4.91
N THR B 286 22.23 19.66 4.89
CA THR B 286 23.29 20.28 4.11
C THR B 286 24.65 19.91 4.71
N TYR B 287 24.71 19.84 6.04
CA TYR B 287 25.95 19.50 6.73
C TYR B 287 26.09 18.01 7.06
N HIS B 288 24.98 17.30 7.04
CA HIS B 288 24.93 15.87 7.31
C HIS B 288 24.18 15.19 6.15
N PRO B 289 24.85 15.00 5.01
CA PRO B 289 24.27 14.39 3.81
C PRO B 289 23.81 12.95 4.04
N SER B 290 24.43 12.24 4.98
CA SER B 290 24.06 10.85 5.30
C SER B 290 22.58 10.78 5.72
N LEU B 291 22.00 11.90 6.12
CA LEU B 291 20.59 11.93 6.50
C LEU B 291 19.73 11.71 5.26
N CYS B 292 20.29 11.99 4.10
CA CYS B 292 19.60 11.80 2.83
C CYS B 292 19.77 10.37 2.34
N LYS B 293 20.68 9.64 2.97
CA LYS B 293 20.97 8.27 2.59
C LYS B 293 20.46 7.22 3.54
N HIS B 294 19.35 7.49 4.21
CA HIS B 294 18.73 6.54 5.14
C HIS B 294 19.49 6.19 6.40
N ARG B 295 20.42 7.05 6.81
CA ARG B 295 21.19 6.78 8.01
C ARG B 295 20.53 7.57 9.13
N PRO B 296 20.56 7.04 10.37
CA PRO B 296 19.94 7.77 11.47
C PRO B 296 20.99 8.75 11.99
N PHE B 297 20.59 9.75 12.77
CA PHE B 297 21.60 10.66 13.30
C PHE B 297 22.26 10.00 14.52
N ILE B 298 21.46 9.31 15.33
CA ILE B 298 21.98 8.63 16.50
C ILE B 298 22.34 7.22 16.10
N ALA B 299 23.62 7.00 15.83
CA ALA B 299 24.12 5.70 15.39
C ALA B 299 23.63 4.41 16.06
N TRP B 300 23.59 4.37 17.40
CA TRP B 300 23.16 3.16 18.11
C TRP B 300 21.71 2.75 17.88
N THR B 301 20.88 3.67 17.39
CA THR B 301 19.48 3.35 17.14
C THR B 301 19.38 2.36 16.00
N ASP B 302 20.41 2.31 15.18
CA ASP B 302 20.49 1.39 14.07
C ASP B 302 20.63 -0.04 14.60
N ARG B 303 20.83 -0.16 15.92
CA ARG B 303 20.97 -1.45 16.57
C ARG B 303 19.63 -1.99 17.05
N VAL B 304 18.61 -1.15 17.07
CA VAL B 304 17.29 -1.59 17.51
C VAL B 304 16.80 -2.68 16.55
N GLN B 305 16.28 -3.77 17.13
CA GLN B 305 15.78 -4.90 16.37
C GLN B 305 14.35 -4.59 15.96
N TRP B 306 14.19 -3.96 14.81
CA TRP B 306 12.86 -3.59 14.34
C TRP B 306 12.08 -4.82 13.97
N GLN B 307 10.76 -4.74 14.14
CA GLN B 307 9.89 -5.84 13.82
C GLN B 307 9.57 -5.97 12.35
N SER B 308 9.84 -7.13 11.78
CA SER B 308 9.49 -7.36 10.38
C SER B 308 8.08 -7.92 10.44
N ASN B 309 7.08 -7.08 10.18
CA ASN B 309 5.70 -7.57 10.24
C ASN B 309 4.80 -6.89 9.22
N PRO B 310 4.58 -7.56 8.09
CA PRO B 310 3.74 -7.08 6.98
C PRO B 310 2.28 -6.81 7.32
N ALA B 311 1.74 -7.62 8.21
CA ALA B 311 0.35 -7.44 8.59
C ALA B 311 0.19 -6.15 9.36
N HIS B 312 1.12 -5.88 10.27
CA HIS B 312 1.03 -4.67 11.10
C HIS B 312 1.22 -3.35 10.33
N LEU B 313 2.21 -3.32 9.44
CA LEU B 313 2.51 -2.18 8.60
C LEU B 313 1.30 -1.92 7.69
N GLN B 314 0.73 -3.00 7.13
CA GLN B 314 -0.44 -2.87 6.24
C GLN B 314 -1.62 -2.28 6.95
N ALA B 315 -1.85 -2.69 8.20
CA ALA B 315 -2.97 -2.19 9.00
C ALA B 315 -2.78 -0.71 9.31
N TRP B 316 -1.53 -0.32 9.55
CA TRP B 316 -1.24 1.08 9.84
C TRP B 316 -1.53 1.89 8.57
N GLN B 317 -0.93 1.49 7.44
CA GLN B 317 -1.11 2.18 6.16
C GLN B 317 -2.57 2.37 5.77
N GLU B 318 -3.37 1.35 6.00
CA GLU B 318 -4.78 1.42 5.62
C GLU B 318 -5.65 2.07 6.64
N GLY B 319 -5.10 2.28 7.84
CA GLY B 319 -5.86 2.91 8.91
C GLY B 319 -6.85 1.96 9.52
N LYS B 320 -6.34 0.77 9.88
CA LYS B 320 -7.15 -0.29 10.50
C LYS B 320 -6.47 -0.86 11.75
N THR B 321 -5.86 0.01 12.55
CA THR B 321 -5.14 -0.38 13.76
C THR B 321 -6.04 -0.60 14.97
N GLY B 322 -7.24 -0.03 14.94
CA GLY B 322 -8.13 -0.14 16.07
C GLY B 322 -8.02 1.04 17.04
N TYR B 323 -7.18 2.03 16.72
CA TYR B 323 -7.00 3.24 17.54
C TYR B 323 -7.63 4.38 16.72
N PRO B 324 -8.82 4.84 17.10
CA PRO B 324 -9.47 5.91 16.35
C PRO B 324 -8.64 7.08 15.82
N ILE B 325 -7.87 7.72 16.70
CA ILE B 325 -7.07 8.89 16.33
C ILE B 325 -5.96 8.59 15.28
N VAL B 326 -5.42 7.38 15.33
CA VAL B 326 -4.40 6.93 14.40
C VAL B 326 -5.06 6.59 13.05
N ASP B 327 -6.20 5.91 13.13
CA ASP B 327 -6.97 5.51 11.95
C ASP B 327 -7.56 6.69 11.20
N ALA B 328 -8.15 7.63 11.92
CA ALA B 328 -8.73 8.83 11.30
C ALA B 328 -7.63 9.64 10.59
N ALA B 329 -6.44 9.69 11.19
CA ALA B 329 -5.29 10.40 10.66
C ALA B 329 -4.84 9.81 9.33
N MET B 330 -4.85 8.49 9.24
CA MET B 330 -4.46 7.77 8.04
C MET B 330 -5.49 7.91 6.94
N ARG B 331 -6.77 7.94 7.28
CA ARG B 331 -7.78 8.12 6.24
C ARG B 331 -7.60 9.55 5.72
N GLN B 332 -7.33 10.52 6.59
CA GLN B 332 -7.11 11.91 6.15
C GLN B 332 -5.95 11.98 5.12
N LEU B 333 -4.82 11.37 5.45
CA LEU B 333 -3.64 11.34 4.59
C LEU B 333 -3.96 10.65 3.27
N ASN B 334 -4.37 9.39 3.36
CA ASN B 334 -4.70 8.58 2.20
C ASN B 334 -5.70 9.25 1.28
N SER B 335 -6.61 10.05 1.83
CA SER B 335 -7.59 10.70 0.98
C SER B 335 -7.40 12.18 0.59
N THR B 336 -6.43 12.87 1.18
CA THR B 336 -6.22 14.29 0.86
C THR B 336 -4.77 14.65 0.59
N GLY B 337 -3.86 13.75 0.92
CA GLY B 337 -2.46 14.03 0.72
C GLY B 337 -1.87 14.89 1.83
N TRP B 338 -2.66 15.19 2.86
CA TRP B 338 -2.18 16.02 3.97
C TRP B 338 -2.64 15.44 5.32
N MET B 339 -1.87 15.68 6.38
CA MET B 339 -2.18 15.24 7.74
C MET B 339 -1.78 16.33 8.73
N HIS B 340 -2.63 16.61 9.69
CA HIS B 340 -2.35 17.60 10.70
C HIS B 340 -1.09 17.19 11.44
N ASN B 341 -0.26 18.18 11.79
CA ASN B 341 1.02 17.93 12.47
C ASN B 341 0.95 17.09 13.74
N ARG B 342 0.00 17.39 14.60
CA ARG B 342 -0.22 16.66 15.86
C ARG B 342 -0.43 15.19 15.48
N LEU B 343 -1.21 14.94 14.44
CA LEU B 343 -1.45 13.58 13.96
C LEU B 343 -0.23 12.99 13.28
N ARG B 344 0.62 13.80 12.64
CA ARG B 344 1.82 13.22 12.02
C ARG B 344 2.69 12.70 13.14
N MET B 345 2.67 13.40 14.28
CA MET B 345 3.46 12.98 15.42
C MET B 345 2.90 11.67 16.03
N ILE B 346 1.58 11.63 16.23
CA ILE B 346 0.90 10.46 16.81
C ILE B 346 1.02 9.15 15.97
N THR B 347 0.73 9.24 14.68
CA THR B 347 0.81 8.09 13.77
C THR B 347 2.23 7.61 13.54
N ALA B 348 3.20 8.51 13.56
CA ALA B 348 4.58 8.13 13.34
C ALA B 348 5.09 7.44 14.59
N SER B 349 4.59 7.90 15.73
CA SER B 349 4.98 7.33 16.99
C SER B 349 4.33 5.94 17.12
N PHE B 350 3.09 5.82 16.68
CA PHE B 350 2.39 4.54 16.73
C PHE B 350 3.12 3.49 15.90
N LEU B 351 3.59 3.87 14.72
CA LEU B 351 4.29 2.91 13.86
C LEU B 351 5.62 2.43 14.45
N VAL B 352 6.43 3.38 14.90
CA VAL B 352 7.74 3.05 15.43
C VAL B 352 7.80 2.53 16.85
N LYS B 353 6.91 3.04 17.71
CA LYS B 353 6.96 2.67 19.12
C LYS B 353 5.88 1.74 19.70
N ASP B 354 4.80 1.52 18.96
CA ASP B 354 3.77 0.60 19.38
C ASP B 354 3.92 -0.68 18.56
N LEU B 355 4.36 -0.53 17.31
CA LEU B 355 4.52 -1.68 16.42
C LEU B 355 5.96 -2.05 16.23
N LEU B 356 6.85 -1.15 16.63
CA LEU B 356 8.29 -1.36 16.53
C LEU B 356 8.75 -1.63 15.09
N ILE B 357 8.13 -0.94 14.15
CA ILE B 357 8.47 -1.07 12.74
C ILE B 357 9.47 0.02 12.36
N ASP B 358 10.42 -0.36 11.55
CA ASP B 358 11.45 0.54 11.07
C ASP B 358 10.83 1.87 10.64
N TRP B 359 11.38 2.97 11.12
CA TRP B 359 10.87 4.29 10.79
C TRP B 359 11.00 4.58 9.29
N ARG B 360 12.01 4.02 8.63
CA ARG B 360 12.17 4.25 7.20
C ARG B 360 11.00 3.72 6.39
N GLU B 361 10.22 2.81 6.97
CA GLU B 361 9.03 2.25 6.30
C GLU B 361 7.93 3.31 6.33
N GLY B 362 7.72 3.93 7.49
CA GLY B 362 6.72 4.97 7.61
C GLY B 362 7.04 6.20 6.77
N GLU B 363 8.30 6.58 6.78
CA GLU B 363 8.85 7.72 6.05
C GLU B 363 8.50 7.61 4.55
N ARG B 364 8.90 6.49 3.95
CA ARG B 364 8.63 6.16 2.55
C ARG B 364 7.15 6.23 2.25
N TYR B 365 6.34 5.66 3.14
CA TYR B 365 4.91 5.69 2.95
C TYR B 365 4.36 7.09 2.99
N PHE B 366 4.87 7.89 3.92
CA PHE B 366 4.43 9.28 4.04
C PHE B 366 4.79 10.03 2.74
N MET B 367 6.02 9.84 2.28
CA MET B 367 6.47 10.50 1.07
C MET B 367 5.54 10.17 -0.10
N SER B 368 5.20 8.89 -0.22
CA SER B 368 4.35 8.44 -1.30
C SER B 368 2.97 9.03 -1.30
N GLN B 369 2.53 9.62 -0.19
CA GLN B 369 1.18 10.21 -0.11
C GLN B 369 1.13 11.71 0.04
N LEU B 370 2.12 12.24 0.74
CA LEU B 370 2.17 13.67 1.08
C LEU B 370 2.25 14.66 -0.08
N ILE B 371 1.27 15.57 -0.15
CA ILE B 371 1.27 16.61 -1.19
C ILE B 371 2.41 17.59 -0.86
N ASP B 372 2.81 17.62 0.42
CA ASP B 372 3.89 18.47 0.90
C ASP B 372 5.18 17.71 1.21
N GLY B 373 5.28 16.52 0.62
CA GLY B 373 6.43 15.67 0.81
C GLY B 373 7.67 16.47 0.55
N ASP B 374 8.61 16.41 1.49
CA ASP B 374 9.87 17.15 1.46
C ASP B 374 10.87 16.35 2.27
N LEU B 375 12.03 16.04 1.72
CA LEU B 375 13.03 15.23 2.42
C LEU B 375 13.47 15.71 3.79
N ALA B 376 13.89 16.97 3.89
CA ALA B 376 14.35 17.53 5.17
C ALA B 376 13.29 17.52 6.27
N ALA B 377 12.07 17.90 5.91
CA ALA B 377 10.98 17.95 6.87
C ALA B 377 10.41 16.58 7.26
N ASN B 378 10.32 15.67 6.28
CA ASN B 378 9.79 14.31 6.49
C ASN B 378 10.83 13.48 7.22
N ASN B 379 12.06 13.45 6.73
CA ASN B 379 13.10 12.68 7.39
C ASN B 379 13.24 13.18 8.83
N GLY B 380 13.23 14.50 8.97
CA GLY B 380 13.35 15.15 10.27
C GLY B 380 12.23 14.76 11.19
N GLY B 381 10.99 14.83 10.71
CA GLY B 381 9.86 14.45 11.54
C GLY B 381 9.89 12.98 11.94
N TRP B 382 10.31 12.11 11.03
CA TRP B 382 10.38 10.68 11.33
C TRP B 382 11.49 10.36 12.29
N GLN B 383 12.66 10.95 12.11
CA GLN B 383 13.77 10.73 13.04
C GLN B 383 13.49 11.31 14.45
N TRP B 384 12.58 12.27 14.51
CA TRP B 384 12.17 12.89 15.76
C TRP B 384 11.27 11.88 16.54
N ALA B 385 10.21 11.41 15.89
CA ALA B 385 9.27 10.45 16.47
C ALA B 385 9.96 9.15 16.90
N ALA B 386 10.94 8.73 16.11
CA ALA B 386 11.70 7.52 16.35
C ALA B 386 12.87 7.65 17.35
N SER B 387 13.20 8.88 17.77
CA SER B 387 14.30 9.12 18.72
C SER B 387 15.65 8.78 18.09
N THR B 388 15.75 8.96 16.79
CA THR B 388 16.98 8.65 16.09
C THR B 388 17.61 9.92 15.56
N GLY B 389 16.85 10.99 15.54
CA GLY B 389 17.36 12.23 15.00
C GLY B 389 18.09 13.23 15.87
N THR B 390 18.21 14.44 15.33
CA THR B 390 18.88 15.55 16.00
C THR B 390 17.82 16.23 16.84
N ASP B 391 18.05 16.27 18.14
CA ASP B 391 17.10 16.91 19.04
C ASP B 391 15.73 16.25 18.86
N ALA B 392 15.74 14.93 18.92
CA ALA B 392 14.53 14.13 18.77
C ALA B 392 13.82 13.88 20.10
N ALA B 393 12.66 13.21 20.03
CA ALA B 393 11.89 12.86 21.22
C ALA B 393 12.77 11.85 21.94
N PRO B 394 12.82 11.89 23.29
CA PRO B 394 13.64 10.93 24.04
C PRO B 394 13.15 9.49 23.76
N TYR B 395 14.04 8.51 23.69
CA TYR B 395 13.57 7.16 23.39
C TYR B 395 12.45 6.65 24.30
N PHE B 396 12.43 7.09 25.58
CA PHE B 396 11.40 6.65 26.54
C PHE B 396 10.08 7.38 26.40
N ARG B 397 10.03 8.34 25.50
CA ARG B 397 8.81 9.09 25.22
C ARG B 397 7.95 8.28 24.24
N ILE B 398 6.92 7.63 24.77
CA ILE B 398 6.02 6.82 23.96
C ILE B 398 4.61 7.36 24.04
N PHE B 399 4.22 8.16 23.07
CA PHE B 399 2.87 8.73 23.03
C PHE B 399 1.78 7.65 23.22
N ASN B 400 0.75 7.97 24.00
CA ASN B 400 -0.36 7.04 24.21
C ASN B 400 -1.43 7.62 23.31
N PRO B 401 -1.79 6.88 22.23
CA PRO B 401 -2.80 7.34 21.28
C PRO B 401 -4.16 7.70 21.87
N THR B 402 -4.57 6.97 22.91
CA THR B 402 -5.84 7.22 23.56
C THR B 402 -5.76 8.54 24.33
N THR B 403 -4.69 8.73 25.12
CA THR B 403 -4.47 9.97 25.88
C THR B 403 -4.36 11.14 24.88
N GLN B 404 -3.48 11.00 23.89
CA GLN B 404 -3.29 12.01 22.86
C GLN B 404 -4.65 12.35 22.25
N GLY B 405 -5.38 11.32 21.83
CA GLY B 405 -6.69 11.58 21.26
C GLY B 405 -7.68 12.23 22.18
N GLU B 406 -7.65 11.89 23.46
CA GLU B 406 -8.59 12.46 24.43
C GLU B 406 -8.29 13.93 24.69
N LYS B 407 -7.04 14.28 24.52
CA LYS B 407 -6.61 15.66 24.72
C LYS B 407 -6.97 16.53 23.50
N PHE B 408 -6.39 16.17 22.36
CA PHE B 408 -6.56 16.93 21.14
C PHE B 408 -7.82 16.79 20.35
N ASP B 409 -8.57 15.73 20.58
CA ASP B 409 -9.83 15.57 19.89
C ASP B 409 -10.80 15.00 20.93
N HIS B 410 -10.86 15.71 22.05
CA HIS B 410 -11.68 15.34 23.19
C HIS B 410 -13.07 14.87 22.83
N GLU B 411 -13.77 15.65 22.01
CA GLU B 411 -15.13 15.34 21.62
C GLU B 411 -15.31 14.32 20.49
N GLY B 412 -14.20 13.92 19.88
CA GLY B 412 -14.26 12.95 18.79
C GLY B 412 -14.88 13.55 17.55
N GLU B 413 -14.76 14.87 17.37
CA GLU B 413 -15.31 15.55 16.19
C GLU B 413 -14.53 15.14 14.97
N PHE B 414 -13.22 15.28 15.05
CA PHE B 414 -12.33 14.95 13.96
C PHE B 414 -12.50 13.47 13.65
N ILE B 415 -12.40 12.65 14.70
CA ILE B 415 -12.54 11.20 14.59
C ILE B 415 -13.82 10.79 13.84
N ARG B 416 -14.96 11.33 14.24
CA ARG B 416 -16.21 10.99 13.60
C ARG B 416 -16.32 11.47 12.16
N GLN B 417 -15.49 12.44 11.81
CA GLN B 417 -15.44 12.99 10.46
C GLN B 417 -14.86 11.93 9.52
N TRP B 418 -13.74 11.33 9.93
CA TRP B 418 -13.05 10.34 9.13
C TRP B 418 -13.39 8.87 9.33
N LEU B 419 -14.09 8.56 10.41
CA LEU B 419 -14.47 7.19 10.76
C LEU B 419 -15.96 7.18 10.93
N PRO B 420 -16.71 7.17 9.81
CA PRO B 420 -18.18 7.17 9.81
C PRO B 420 -18.77 6.00 10.59
N GLU B 421 -18.04 4.87 10.63
CA GLU B 421 -18.48 3.69 11.35
C GLU B 421 -18.55 3.89 12.86
N LEU B 422 -17.94 4.96 13.36
CA LEU B 422 -17.95 5.25 14.79
C LEU B 422 -18.87 6.42 15.09
N ARG B 423 -19.69 6.85 14.15
CA ARG B 423 -20.58 8.00 14.37
C ARG B 423 -21.76 7.74 15.28
N ASP B 424 -21.71 6.65 16.05
CA ASP B 424 -22.78 6.27 16.95
C ASP B 424 -22.30 5.93 18.36
N VAL B 425 -20.99 5.90 18.52
CA VAL B 425 -20.38 5.63 19.81
C VAL B 425 -20.41 6.96 20.59
N PRO B 426 -20.74 6.91 21.91
CA PRO B 426 -20.81 8.03 22.86
C PRO B 426 -19.50 8.79 23.05
N GLY B 427 -19.58 10.11 23.18
CA GLY B 427 -18.41 10.96 23.32
C GLY B 427 -17.22 10.53 24.16
N LYS B 428 -17.48 10.02 25.35
CA LYS B 428 -16.42 9.58 26.26
C LYS B 428 -15.68 8.31 25.79
N VAL B 429 -16.43 7.43 25.12
CA VAL B 429 -15.93 6.14 24.67
C VAL B 429 -15.45 6.05 23.24
N VAL B 430 -15.72 7.07 22.42
CA VAL B 430 -15.30 7.06 21.01
C VAL B 430 -13.82 6.79 20.84
N HIS B 431 -13.03 7.02 21.88
CA HIS B 431 -11.58 6.80 21.84
C HIS B 431 -11.20 5.37 22.09
N GLU B 432 -12.12 4.60 22.64
CA GLU B 432 -11.95 3.17 22.91
C GLU B 432 -13.34 2.62 22.65
N PRO B 433 -13.76 2.61 21.38
CA PRO B 433 -15.08 2.12 20.99
C PRO B 433 -15.40 0.65 21.28
N TRP B 434 -14.41 -0.24 21.23
CA TRP B 434 -14.69 -1.64 21.50
C TRP B 434 -14.93 -1.97 22.96
N LYS B 435 -14.38 -1.16 23.87
CA LYS B 435 -14.63 -1.40 25.28
C LYS B 435 -16.12 -1.18 25.46
N TRP B 436 -16.60 -0.05 24.98
CA TRP B 436 -18.01 0.24 25.09
C TRP B 436 -18.86 -0.74 24.30
N ALA B 437 -18.41 -1.15 23.13
CA ALA B 437 -19.17 -2.08 22.31
C ALA B 437 -19.38 -3.44 22.99
N GLN B 438 -18.28 -3.97 23.53
CA GLN B 438 -18.28 -5.24 24.22
C GLN B 438 -19.39 -5.29 25.26
N LYS B 439 -19.38 -4.29 26.11
CA LYS B 439 -20.34 -4.14 27.20
C LYS B 439 -21.75 -3.82 26.70
N ALA B 440 -21.85 -3.00 25.65
CA ALA B 440 -23.16 -2.64 25.15
C ALA B 440 -23.81 -3.77 24.33
N GLY B 441 -23.05 -4.82 24.03
CA GLY B 441 -23.58 -5.92 23.25
C GLY B 441 -23.98 -5.39 21.89
N VAL B 442 -23.01 -4.78 21.22
CA VAL B 442 -23.17 -4.19 19.89
C VAL B 442 -22.00 -4.61 19.00
N THR B 443 -22.24 -4.67 17.70
CA THR B 443 -21.20 -5.02 16.74
C THR B 443 -20.78 -3.79 15.96
N LEU B 444 -19.52 -3.41 16.08
CA LEU B 444 -19.00 -2.27 15.36
C LEU B 444 -18.28 -2.81 14.13
N ASP B 445 -18.44 -2.10 13.03
CA ASP B 445 -17.75 -2.44 11.79
C ASP B 445 -16.45 -1.63 11.84
N TYR B 446 -15.66 -1.92 12.85
CA TYR B 446 -14.40 -1.23 13.09
C TYR B 446 -13.46 -2.27 13.70
N PRO B 447 -12.17 -2.23 13.32
CA PRO B 447 -11.25 -3.22 13.89
C PRO B 447 -11.01 -3.10 15.39
N GLN B 448 -10.42 -4.12 15.96
CA GLN B 448 -10.10 -4.11 17.37
C GLN B 448 -8.63 -3.78 17.40
N PRO B 449 -8.15 -3.21 18.51
CA PRO B 449 -6.74 -2.84 18.66
C PRO B 449 -5.85 -3.95 18.17
N ILE B 450 -4.96 -3.68 17.24
CA ILE B 450 -4.09 -4.73 16.74
C ILE B 450 -2.94 -5.01 17.70
N VAL B 451 -2.81 -4.16 18.71
CA VAL B 451 -1.76 -4.28 19.71
C VAL B 451 -2.31 -3.59 20.96
N GLU B 452 -1.91 -4.07 22.14
CA GLU B 452 -2.33 -3.50 23.41
C GLU B 452 -1.20 -2.53 23.70
N HIS B 453 -1.53 -1.25 23.89
CA HIS B 453 -0.52 -0.24 24.14
C HIS B 453 0.40 -0.48 25.35
N LYS B 454 -0.19 -0.89 26.46
CA LYS B 454 0.58 -1.14 27.67
C LYS B 454 1.69 -2.12 27.45
N GLU B 455 1.41 -3.25 26.81
CA GLU B 455 2.44 -4.26 26.53
C GLU B 455 3.38 -3.83 25.41
N ALA B 456 2.82 -3.21 24.35
CA ALA B 456 3.61 -2.75 23.22
C ALA B 456 4.70 -1.84 23.78
N ARG B 457 4.26 -0.83 24.52
CA ARG B 457 5.17 0.12 25.13
C ARG B 457 6.34 -0.51 25.90
N VAL B 458 6.04 -1.56 26.66
CA VAL B 458 7.04 -2.27 27.47
C VAL B 458 8.09 -2.95 26.61
N GLN B 459 7.62 -3.60 25.58
CA GLN B 459 8.46 -4.30 24.62
C GLN B 459 9.38 -3.27 23.94
N THR B 460 8.81 -2.16 23.49
CA THR B 460 9.63 -1.15 22.82
C THR B 460 10.72 -0.59 23.73
N LEU B 461 10.37 -0.23 24.96
CA LEU B 461 11.36 0.30 25.87
C LEU B 461 12.53 -0.68 25.99
N ALA B 462 12.21 -1.98 26.04
CA ALA B 462 13.23 -3.01 26.13
C ALA B 462 14.15 -3.01 24.91
N ALA B 463 13.55 -2.89 23.72
CA ALA B 463 14.32 -2.89 22.47
C ALA B 463 15.31 -1.73 22.38
N TYR B 464 14.88 -0.52 22.75
CA TYR B 464 15.77 0.65 22.72
C TYR B 464 16.87 0.49 23.75
N GLU B 465 16.45 0.12 24.96
CA GLU B 465 17.32 -0.09 26.10
C GLU B 465 18.45 -1.03 25.69
N ALA B 466 18.09 -2.11 25.02
CA ALA B 466 19.07 -3.09 24.57
C ALA B 466 20.03 -2.58 23.52
N ALA B 467 19.54 -1.70 22.64
CA ALA B 467 20.35 -1.15 21.57
C ALA B 467 21.32 -0.13 22.12
N ARG B 468 20.84 0.62 23.10
CA ARG B 468 21.62 1.65 23.72
C ARG B 468 22.83 1.08 24.42
N LYS B 469 22.67 -0.08 25.06
CA LYS B 469 23.75 -0.76 25.78
C LYS B 469 24.91 -1.21 24.90
#